data_4AKR
#
_entry.id   4AKR
#
_cell.length_a   124.460
_cell.length_b   124.460
_cell.length_c   77.500
_cell.angle_alpha   90.00
_cell.angle_beta   90.00
_cell.angle_gamma   90.00
#
_symmetry.space_group_name_H-M   'P 41'
#
loop_
_entity.id
_entity.type
_entity.pdbx_description
1 polymer 'F-ACTIN-CAPPING PROTEIN SUBUNIT ALPHA'
2 polymer 'F-ACTIN-CAPPING PROTEIN SUBUNIT BETA'
3 water water
#
loop_
_entity_poly.entity_id
_entity_poly.type
_entity_poly.pdbx_seq_one_letter_code
_entity_poly.pdbx_strand_id
1 'polypeptide(L)'
;MASNQELVQIATNFLLNAPPCEFMEVVSDVRALLPSESLLNASAGSTFREYNTSQMVSVQTSKGSALITKEGEISNNEYL
DPKNKQVITYDHIKQEVTGERSASGEIEQDIEQYRAAFDEEATKYCNEYYPNGVSAVYGTKVSEGIKITVCISTCIYKPN
AFYSGRWRSVWTCTFKPGSGNVTSNGKVQVNVHYFEDGNVQLNTVTQKQTTSPSADAQSTAVNAFKAIGKAELNLHTALD
NNYSTMGDTTFKALRRALPINRTKINWQKVKNFKIANELNK
;
A,C
2 'polypeptide(L)'
;MDHHHHHHHHTSETGYVQGTEKQLSCCLDLMRRLPPSQIEDNLAGLLDLVPDLTEDLLSSIDQPLKVAYDAVSKKDYLLC
DYNRDADSYRSPWSNKYDPPLSGACYPSSKLRDIEVQANEIFEIYLNLYFEGGVSSVYCWDLDDNFAAVVLMKKTQDQSK
KGQPMRGTWDSIHVVEVKLGKKDKAVYKLTSTVMLSIETDNDNTGKVNLAGSLTRQDEKEYTFNEVDTHCVNIGKMVEDM
ESKLRQTLETIYFGKTKEVVNTLRNATGNSELEKRKNLSNQIGSAIGNRG
;
B,D
#
# COMPACT_ATOMS: atom_id res chain seq x y z
N ALA A 2 36.75 21.17 24.12
CA ALA A 2 36.25 22.55 23.91
C ALA A 2 36.59 23.04 22.51
N SER A 3 37.52 22.34 21.85
CA SER A 3 37.92 22.70 20.49
C SER A 3 36.83 22.20 19.55
N ASN A 4 36.76 22.74 18.34
CA ASN A 4 35.73 22.29 17.41
C ASN A 4 35.79 20.79 17.14
N GLN A 5 37.00 20.24 17.09
CA GLN A 5 37.14 18.81 16.85
C GLN A 5 36.69 18.00 18.06
N GLU A 6 36.91 18.54 19.26
CA GLU A 6 36.50 17.83 20.47
C GLU A 6 34.97 17.79 20.52
N LEU A 7 34.34 18.92 20.19
CA LEU A 7 32.89 19.02 20.15
C LEU A 7 32.35 18.06 19.08
N VAL A 8 33.15 17.84 18.04
CA VAL A 8 32.77 16.92 16.95
C VAL A 8 32.81 15.47 17.44
N GLN A 9 33.82 15.13 18.23
CA GLN A 9 33.94 13.77 18.73
C GLN A 9 32.83 13.46 19.74
N ILE A 10 32.40 14.48 20.48
CA ILE A 10 31.35 14.28 21.47
C ILE A 10 30.04 13.87 20.76
N ALA A 11 29.66 14.65 19.77
CA ALA A 11 28.46 14.39 18.99
C ALA A 11 28.51 13.09 18.21
N THR A 12 29.70 12.66 17.82
CA THR A 12 29.85 11.41 17.07
C THR A 12 29.48 10.27 17.99
N ASN A 13 29.92 10.35 19.24
CA ASN A 13 29.62 9.30 20.21
C ASN A 13 28.14 9.20 20.56
N PHE A 14 27.43 10.33 20.55
CA PHE A 14 26.00 10.28 20.82
C PHE A 14 25.36 9.47 19.69
N LEU A 15 25.57 9.93 18.47
CA LEU A 15 25.02 9.28 17.29
C LEU A 15 25.28 7.79 17.24
N LEU A 16 26.53 7.38 17.44
CA LEU A 16 26.88 5.97 17.40
C LEU A 16 26.19 5.15 18.48
N ASN A 17 25.75 5.79 19.54
CA ASN A 17 25.12 5.08 20.65
C ASN A 17 23.61 5.19 20.75
N ALA A 18 22.98 5.67 19.68
CA ALA A 18 21.53 5.80 19.67
C ALA A 18 20.88 4.43 19.77
N PRO A 19 19.78 4.32 20.51
CA PRO A 19 19.12 3.02 20.62
C PRO A 19 18.50 2.64 19.28
N PRO A 20 18.12 1.38 19.12
CA PRO A 20 17.52 0.92 17.87
C PRO A 20 16.20 1.60 17.54
N CYS A 21 15.99 1.90 16.27
CA CYS A 21 14.76 2.53 15.80
C CYS A 21 14.55 3.98 16.22
N GLU A 22 15.49 4.55 16.98
CA GLU A 22 15.35 5.92 17.46
C GLU A 22 16.47 6.83 16.98
N PHE A 23 17.20 6.35 15.98
CA PHE A 23 18.34 7.06 15.43
C PHE A 23 17.97 8.48 15.02
N MET A 24 16.89 8.66 14.29
CA MET A 24 16.52 9.99 13.89
C MET A 24 16.14 10.91 15.05
N GLU A 25 15.56 10.38 16.12
CA GLU A 25 15.22 11.22 17.26
C GLU A 25 16.52 11.72 17.88
N VAL A 26 17.53 10.85 17.90
CA VAL A 26 18.84 11.20 18.45
C VAL A 26 19.57 12.15 17.50
N VAL A 27 19.46 11.94 16.19
CA VAL A 27 20.14 12.82 15.24
C VAL A 27 19.60 14.25 15.38
N SER A 28 18.31 14.39 15.69
CA SER A 28 17.70 15.70 15.87
C SER A 28 18.22 16.39 17.11
N ASP A 29 18.26 15.65 18.22
CA ASP A 29 18.76 16.24 19.46
C ASP A 29 20.19 16.72 19.27
N VAL A 30 21.03 15.91 18.65
CA VAL A 30 22.42 16.26 18.43
C VAL A 30 22.57 17.53 17.57
N ARG A 31 21.99 17.51 16.37
CA ARG A 31 22.07 18.66 15.50
C ARG A 31 21.65 19.96 16.20
N ALA A 32 20.74 19.84 17.16
CA ALA A 32 20.26 21.02 17.87
C ALA A 32 21.21 21.45 18.98
N LEU A 33 22.26 20.66 19.20
CA LEU A 33 23.21 20.98 20.26
C LEU A 33 24.53 21.43 19.67
N LEU A 34 24.69 21.23 18.36
CA LEU A 34 25.91 21.62 17.68
C LEU A 34 25.90 23.12 17.39
N PRO A 35 26.93 23.86 17.86
CA PRO A 35 26.98 25.30 17.62
C PRO A 35 26.94 25.66 16.15
N SER A 36 27.30 24.69 15.30
CA SER A 36 27.28 24.89 13.86
C SER A 36 27.07 23.58 13.12
N GLU A 37 26.06 23.56 12.28
CA GLU A 37 25.70 22.38 11.49
C GLU A 37 26.83 21.91 10.56
N SER A 38 27.88 22.72 10.44
CA SER A 38 28.99 22.36 9.57
C SER A 38 30.05 21.54 10.29
N LEU A 39 30.00 21.55 11.62
CA LEU A 39 30.97 20.81 12.43
C LEU A 39 31.07 19.33 12.06
N LEU A 40 29.95 18.71 11.70
CA LEU A 40 29.96 17.29 11.35
C LEU A 40 29.75 17.08 9.86
N ASN A 41 30.10 18.08 9.05
CA ASN A 41 29.93 17.98 7.62
C ASN A 41 31.09 17.26 6.96
N ALA A 42 31.82 16.48 7.74
CA ALA A 42 32.96 15.75 7.21
C ALA A 42 33.06 14.38 7.87
N SER A 43 32.28 14.19 8.94
CA SER A 43 32.28 12.95 9.70
C SER A 43 31.00 12.12 9.53
N ALA A 44 29.90 12.81 9.22
CA ALA A 44 28.60 12.19 9.05
C ALA A 44 28.59 10.87 8.28
N GLY A 45 28.79 10.94 6.97
CA GLY A 45 28.79 9.74 6.14
C GLY A 45 29.33 8.49 6.80
N SER A 46 30.58 8.58 7.26
CA SER A 46 31.22 7.46 7.93
C SER A 46 30.46 7.07 9.21
N THR A 47 29.97 8.08 9.92
CA THR A 47 29.25 7.88 11.18
C THR A 47 27.92 7.16 10.99
N PHE A 48 27.06 7.70 10.14
CA PHE A 48 25.76 7.07 9.88
C PHE A 48 25.95 5.67 9.30
N ARG A 49 26.91 5.53 8.39
CA ARG A 49 27.21 4.24 7.77
C ARG A 49 27.53 3.16 8.82
N GLU A 50 28.30 3.55 9.84
CA GLU A 50 28.69 2.64 10.91
C GLU A 50 27.46 2.15 11.69
N TYR A 51 26.55 3.07 11.98
CA TYR A 51 25.31 2.74 12.68
C TYR A 51 24.42 1.84 11.82
N ASN A 52 24.08 2.34 10.63
CA ASN A 52 23.21 1.59 9.73
C ASN A 52 23.66 0.15 9.52
N THR A 53 24.94 -0.03 9.19
CA THR A 53 25.45 -1.36 8.94
C THR A 53 25.59 -2.25 10.18
N SER A 54 25.95 -1.67 11.32
CA SER A 54 26.10 -2.48 12.52
C SER A 54 24.74 -2.86 13.10
N GLN A 55 23.73 -2.05 12.81
CA GLN A 55 22.36 -2.31 13.26
C GLN A 55 21.70 -3.25 12.26
N MET A 56 22.32 -3.37 11.08
CA MET A 56 21.78 -4.20 10.02
C MET A 56 20.33 -3.78 9.75
N VAL A 57 20.16 -2.49 9.45
CA VAL A 57 18.84 -1.96 9.15
C VAL A 57 18.28 -2.64 7.88
N SER A 58 16.95 -2.64 7.75
CA SER A 58 16.30 -3.26 6.60
C SER A 58 15.79 -2.17 5.66
N VAL A 59 15.64 -2.53 4.39
CA VAL A 59 15.17 -1.60 3.38
C VAL A 59 14.15 -2.30 2.50
N GLN A 60 13.37 -1.51 1.76
CA GLN A 60 12.37 -2.07 0.86
C GLN A 60 12.84 -1.79 -0.55
N THR A 61 12.89 -2.83 -1.37
CA THR A 61 13.28 -2.68 -2.77
C THR A 61 12.08 -3.13 -3.59
N SER A 62 12.17 -2.97 -4.90
CA SER A 62 11.09 -3.37 -5.79
C SER A 62 10.80 -4.87 -5.72
N LYS A 63 11.80 -5.63 -5.28
CA LYS A 63 11.67 -7.09 -5.18
C LYS A 63 11.49 -7.62 -3.78
N GLY A 64 11.30 -6.71 -2.82
CA GLY A 64 11.13 -7.15 -1.44
C GLY A 64 12.15 -6.54 -0.49
N SER A 65 12.07 -6.95 0.78
CA SER A 65 12.95 -6.44 1.80
C SER A 65 14.38 -6.98 1.71
N ALA A 66 15.33 -6.21 2.22
CA ALA A 66 16.74 -6.61 2.24
C ALA A 66 17.44 -5.99 3.44
N LEU A 67 18.67 -6.42 3.68
CA LEU A 67 19.45 -5.91 4.79
C LEU A 67 20.67 -5.10 4.33
N ILE A 68 21.01 -4.07 5.11
CA ILE A 68 22.18 -3.25 4.85
C ILE A 68 23.20 -3.71 5.91
N THR A 69 24.22 -4.44 5.48
CA THR A 69 25.24 -4.96 6.39
C THR A 69 26.65 -4.74 5.86
N LYS A 70 27.64 -4.97 6.70
CA LYS A 70 29.03 -4.80 6.27
C LYS A 70 29.42 -6.00 5.43
N GLU A 71 28.80 -7.14 5.68
CA GLU A 71 29.13 -8.34 4.92
C GLU A 71 28.61 -8.28 3.49
N GLY A 72 27.63 -7.42 3.24
CA GLY A 72 27.10 -7.30 1.90
C GLY A 72 27.58 -6.02 1.24
N GLU A 73 28.41 -5.27 1.95
CA GLU A 73 28.94 -4.01 1.45
C GLU A 73 29.94 -4.21 0.31
N ILE A 74 29.64 -3.67 -0.86
CA ILE A 74 30.52 -3.78 -2.02
C ILE A 74 31.32 -2.49 -2.13
N SER A 75 30.63 -1.39 -1.88
CA SER A 75 31.19 -0.05 -1.90
C SER A 75 30.62 0.65 -0.68
N ASN A 76 31.07 1.88 -0.44
CA ASN A 76 30.61 2.65 0.71
C ASN A 76 29.09 2.87 0.68
N ASN A 77 28.50 2.75 -0.50
CA ASN A 77 27.07 2.96 -0.64
C ASN A 77 26.39 1.88 -1.48
N GLU A 78 27.05 0.74 -1.63
CA GLU A 78 26.47 -0.33 -2.41
C GLU A 78 26.42 -1.63 -1.62
N TYR A 79 25.25 -2.24 -1.60
CA TYR A 79 25.04 -3.47 -0.86
C TYR A 79 24.45 -4.56 -1.73
N LEU A 80 25.04 -5.74 -1.63
CA LEU A 80 24.63 -6.90 -2.39
C LEU A 80 23.46 -7.63 -1.74
N ASP A 81 22.52 -8.06 -2.58
CA ASP A 81 21.35 -8.79 -2.13
C ASP A 81 21.29 -10.03 -3.03
N PRO A 82 22.05 -11.08 -2.68
CA PRO A 82 22.13 -12.35 -3.41
C PRO A 82 20.81 -13.01 -3.72
N LYS A 83 19.90 -12.98 -2.75
CA LYS A 83 18.61 -13.60 -2.92
C LYS A 83 17.90 -13.11 -4.18
N ASN A 84 17.94 -11.80 -4.42
CA ASN A 84 17.28 -11.22 -5.58
C ASN A 84 18.27 -10.80 -6.66
N LYS A 85 19.48 -11.36 -6.60
CA LYS A 85 20.53 -11.06 -7.56
C LYS A 85 20.58 -9.58 -7.92
N GLN A 86 20.77 -8.73 -6.92
CA GLN A 86 20.82 -7.31 -7.17
C GLN A 86 21.80 -6.56 -6.28
N VAL A 87 22.10 -5.34 -6.68
CA VAL A 87 23.00 -4.46 -5.97
C VAL A 87 22.18 -3.25 -5.59
N ILE A 88 22.14 -2.97 -4.29
CA ILE A 88 21.37 -1.85 -3.78
C ILE A 88 22.26 -0.67 -3.43
N THR A 89 21.93 0.49 -4.00
CA THR A 89 22.66 1.72 -3.71
C THR A 89 21.86 2.34 -2.57
N TYR A 90 22.57 2.79 -1.53
CA TYR A 90 21.93 3.35 -0.34
C TYR A 90 22.52 4.67 0.16
N ASP A 91 21.65 5.59 0.56
CA ASP A 91 22.12 6.88 1.09
C ASP A 91 22.11 6.78 2.60
N HIS A 92 23.28 6.62 3.20
CA HIS A 92 23.39 6.48 4.65
C HIS A 92 22.91 7.65 5.49
N ILE A 93 22.97 8.85 4.95
CA ILE A 93 22.55 10.01 5.72
C ILE A 93 21.04 10.18 5.72
N LYS A 94 20.41 9.92 4.59
CA LYS A 94 18.97 10.06 4.48
C LYS A 94 18.32 8.74 4.87
N GLN A 95 19.13 7.70 4.95
CA GLN A 95 18.67 6.35 5.29
C GLN A 95 17.66 5.83 4.28
N GLU A 96 17.96 6.01 2.99
CA GLU A 96 17.06 5.55 1.95
C GLU A 96 17.80 4.99 0.73
N VAL A 97 17.17 4.03 0.07
CA VAL A 97 17.72 3.39 -1.12
C VAL A 97 17.61 4.36 -2.29
N THR A 98 18.70 4.53 -3.02
CA THR A 98 18.73 5.44 -4.16
C THR A 98 18.97 4.74 -5.49
N GLY A 99 19.21 3.43 -5.42
CA GLY A 99 19.47 2.67 -6.63
C GLY A 99 19.18 1.19 -6.49
N GLU A 100 18.86 0.56 -7.62
CA GLU A 100 18.56 -0.86 -7.65
C GLU A 100 18.94 -1.39 -9.04
N ARG A 101 19.86 -2.34 -9.08
CA ARG A 101 20.27 -2.93 -10.33
C ARG A 101 20.58 -4.42 -10.16
N SER A 102 20.67 -5.11 -11.29
CA SER A 102 20.97 -6.53 -11.30
C SER A 102 22.45 -6.72 -11.02
N ALA A 103 22.79 -7.79 -10.30
CA ALA A 103 24.20 -8.08 -10.03
C ALA A 103 24.83 -8.48 -11.37
N SER A 104 26.11 -8.20 -11.54
CA SER A 104 26.77 -8.53 -12.79
C SER A 104 28.12 -9.18 -12.56
N GLY A 105 28.23 -9.97 -11.49
CA GLY A 105 29.49 -10.64 -11.19
C GLY A 105 29.86 -10.64 -9.72
N GLU A 106 29.16 -9.83 -8.91
CA GLU A 106 29.42 -9.74 -7.48
C GLU A 106 29.19 -11.06 -6.74
N ILE A 107 28.28 -11.86 -7.28
CA ILE A 107 27.96 -13.14 -6.68
C ILE A 107 28.88 -14.21 -7.22
N GLU A 108 29.49 -14.98 -6.32
CA GLU A 108 30.38 -16.05 -6.74
C GLU A 108 29.58 -17.27 -7.17
N GLN A 109 29.47 -17.45 -8.49
CA GLN A 109 28.71 -18.56 -9.06
C GLN A 109 29.22 -19.97 -8.72
N ASP A 110 30.53 -20.13 -8.58
CA ASP A 110 31.06 -21.47 -8.31
C ASP A 110 30.62 -22.12 -7.00
N ILE A 111 30.13 -21.32 -6.05
CA ILE A 111 29.68 -21.85 -4.78
C ILE A 111 28.23 -21.43 -4.51
N GLU A 112 27.61 -20.82 -5.51
CA GLU A 112 26.24 -20.34 -5.42
C GLU A 112 25.23 -21.40 -5.00
N GLN A 113 25.50 -22.66 -5.34
CA GLN A 113 24.58 -23.73 -4.98
C GLN A 113 24.55 -23.92 -3.47
N TYR A 114 25.66 -23.62 -2.82
CA TYR A 114 25.73 -23.74 -1.36
C TYR A 114 25.02 -22.54 -0.76
N ARG A 115 25.31 -21.35 -1.28
CA ARG A 115 24.68 -20.16 -0.75
C ARG A 115 23.15 -20.30 -0.91
N ALA A 116 22.71 -20.75 -2.09
CA ALA A 116 21.28 -20.91 -2.38
C ALA A 116 20.62 -21.95 -1.48
N ALA A 117 21.31 -23.06 -1.24
CA ALA A 117 20.77 -24.09 -0.36
C ALA A 117 20.66 -23.52 1.07
N PHE A 118 21.62 -22.71 1.49
CA PHE A 118 21.56 -22.12 2.82
C PHE A 118 20.48 -21.05 2.89
N ASP A 119 20.35 -20.29 1.81
CA ASP A 119 19.36 -19.23 1.75
C ASP A 119 17.93 -19.77 1.96
N GLU A 120 17.60 -20.92 1.37
CA GLU A 120 16.26 -21.50 1.55
C GLU A 120 15.97 -21.75 3.03
N GLU A 121 16.98 -22.25 3.73
CA GLU A 121 16.82 -22.56 5.15
C GLU A 121 16.75 -21.31 6.02
N ALA A 122 17.58 -20.32 5.73
CA ALA A 122 17.57 -19.09 6.52
C ALA A 122 16.20 -18.40 6.40
N THR A 123 15.62 -18.45 5.20
CA THR A 123 14.33 -17.83 4.96
C THR A 123 13.24 -18.50 5.81
N LYS A 124 13.13 -19.82 5.74
CA LYS A 124 12.13 -20.55 6.53
C LYS A 124 12.37 -20.38 8.05
N TYR A 125 13.63 -20.45 8.46
CA TYR A 125 13.97 -20.30 9.86
C TYR A 125 13.52 -18.92 10.33
N CYS A 126 13.84 -17.91 9.54
CA CYS A 126 13.51 -16.52 9.82
C CYS A 126 11.99 -16.32 9.91
N ASN A 127 11.25 -16.91 8.96
CA ASN A 127 9.81 -16.79 8.95
C ASN A 127 9.19 -17.51 10.15
N GLU A 128 9.84 -18.57 10.61
CA GLU A 128 9.34 -19.33 11.74
C GLU A 128 9.58 -18.72 13.12
N TYR A 129 10.76 -18.17 13.36
CA TYR A 129 11.05 -17.62 14.68
C TYR A 129 11.14 -16.11 14.83
N TYR A 130 11.14 -15.38 13.73
CA TYR A 130 11.23 -13.93 13.80
C TYR A 130 10.13 -13.27 12.98
N PRO A 131 8.98 -13.00 13.60
CA PRO A 131 7.83 -12.36 12.94
C PRO A 131 8.16 -11.19 12.00
N ASN A 132 8.93 -10.21 12.45
CA ASN A 132 9.29 -9.09 11.58
C ASN A 132 10.72 -9.19 11.07
N GLY A 133 11.30 -10.38 11.12
CA GLY A 133 12.68 -10.54 10.69
C GLY A 133 12.92 -10.50 9.20
N VAL A 134 14.07 -9.96 8.83
CA VAL A 134 14.50 -9.89 7.44
C VAL A 134 15.87 -10.57 7.47
N SER A 135 16.12 -11.45 6.51
CA SER A 135 17.38 -12.19 6.45
C SER A 135 18.26 -11.86 5.25
N ALA A 136 19.50 -12.31 5.31
CA ALA A 136 20.48 -12.11 4.25
C ALA A 136 21.55 -13.19 4.34
N VAL A 137 21.79 -13.88 3.23
CA VAL A 137 22.78 -14.94 3.17
C VAL A 137 23.80 -14.67 2.08
N TYR A 138 25.06 -14.54 2.49
CA TYR A 138 26.17 -14.24 1.59
C TYR A 138 27.08 -15.44 1.46
N GLY A 139 27.89 -15.48 0.41
CA GLY A 139 28.79 -16.58 0.20
C GLY A 139 30.12 -16.13 -0.38
N THR A 140 31.19 -16.87 -0.09
CA THR A 140 32.51 -16.52 -0.60
C THR A 140 33.49 -17.66 -0.37
N LYS A 141 34.50 -17.75 -1.23
CA LYS A 141 35.52 -18.78 -1.12
C LYS A 141 36.65 -18.34 -0.20
N VAL A 142 37.04 -19.22 0.71
CA VAL A 142 38.12 -18.94 1.64
C VAL A 142 39.06 -20.14 1.66
N SER A 143 40.30 -19.92 2.11
CA SER A 143 41.31 -20.97 2.17
C SER A 143 40.79 -22.35 2.54
N GLU A 144 40.05 -22.43 3.64
CA GLU A 144 39.49 -23.69 4.10
C GLU A 144 38.26 -24.18 3.32
N GLY A 145 37.92 -23.47 2.24
CA GLY A 145 36.76 -23.87 1.46
C GLY A 145 35.73 -22.78 1.24
N ILE A 146 34.53 -22.97 1.78
CA ILE A 146 33.46 -21.99 1.63
C ILE A 146 32.96 -21.37 2.93
N LYS A 147 32.76 -20.05 2.90
CA LYS A 147 32.22 -19.37 4.06
C LYS A 147 30.84 -18.81 3.72
N ILE A 148 29.81 -19.27 4.44
CA ILE A 148 28.46 -18.77 4.23
C ILE A 148 28.07 -17.96 5.44
N THR A 149 27.77 -16.68 5.24
CA THR A 149 27.40 -15.80 6.33
C THR A 149 25.90 -15.52 6.36
N VAL A 150 25.26 -15.86 7.48
CA VAL A 150 23.83 -15.67 7.67
C VAL A 150 23.54 -14.52 8.64
N CYS A 151 22.81 -13.52 8.17
CA CYS A 151 22.46 -12.38 8.98
C CYS A 151 20.95 -12.33 9.17
N ILE A 152 20.50 -12.08 10.40
CA ILE A 152 19.09 -11.95 10.70
C ILE A 152 18.93 -10.69 11.55
N SER A 153 17.96 -9.85 11.22
CA SER A 153 17.77 -8.62 11.97
C SER A 153 16.30 -8.26 12.05
N THR A 154 15.82 -8.03 13.27
CA THR A 154 14.42 -7.68 13.47
C THR A 154 14.30 -6.69 14.62
N CYS A 155 13.46 -5.67 14.41
CA CYS A 155 13.26 -4.65 15.41
C CYS A 155 11.80 -4.33 15.62
N ILE A 156 11.54 -3.50 16.63
CA ILE A 156 10.19 -3.07 16.95
C ILE A 156 10.26 -1.66 17.52
N TYR A 157 9.26 -0.86 17.22
CA TYR A 157 9.25 0.50 17.70
C TYR A 157 7.83 1.00 17.93
N LYS A 158 7.51 1.25 19.18
CA LYS A 158 6.20 1.74 19.56
C LYS A 158 6.42 2.94 20.47
N PRO A 159 6.80 4.08 19.90
CA PRO A 159 7.02 5.25 20.75
C PRO A 159 5.85 5.57 21.67
N ASN A 160 4.62 5.23 21.25
CA ASN A 160 3.44 5.50 22.06
C ASN A 160 3.40 4.61 23.29
N ALA A 161 4.09 3.49 23.21
CA ALA A 161 4.15 2.59 24.34
C ALA A 161 5.51 2.75 25.03
N PHE A 162 6.27 3.74 24.57
CA PHE A 162 7.59 4.06 25.13
C PHE A 162 8.64 2.96 25.09
N TYR A 163 8.68 2.15 24.03
CA TYR A 163 9.69 1.13 24.00
C TYR A 163 10.12 0.74 22.60
N SER A 164 11.30 0.13 22.51
CA SER A 164 11.84 -0.33 21.24
C SER A 164 12.74 -1.51 21.51
N GLY A 165 13.11 -2.21 20.46
CA GLY A 165 13.98 -3.35 20.61
C GLY A 165 14.49 -3.85 19.29
N ARG A 166 15.55 -4.65 19.33
CA ARG A 166 16.13 -5.24 18.14
C ARG A 166 16.81 -6.53 18.52
N TRP A 167 16.83 -7.47 17.59
CA TRP A 167 17.47 -8.75 17.77
C TRP A 167 18.34 -8.92 16.54
N ARG A 168 19.63 -9.14 16.74
CA ARG A 168 20.57 -9.33 15.65
C ARG A 168 21.31 -10.65 15.81
N SER A 169 21.31 -11.44 14.76
CA SER A 169 22.02 -12.73 14.73
C SER A 169 22.90 -12.77 13.50
N VAL A 170 24.17 -13.10 13.69
CA VAL A 170 25.10 -13.22 12.58
C VAL A 170 25.85 -14.53 12.76
N TRP A 171 25.50 -15.51 11.92
CA TRP A 171 26.13 -16.83 11.97
C TRP A 171 27.03 -17.01 10.76
N THR A 172 28.28 -17.33 11.03
CA THR A 172 29.26 -17.54 9.97
C THR A 172 29.58 -19.02 9.90
N CYS A 173 29.24 -19.64 8.77
CA CYS A 173 29.44 -21.07 8.58
C CYS A 173 30.54 -21.40 7.58
N THR A 174 31.58 -22.08 8.05
CA THR A 174 32.71 -22.44 7.22
C THR A 174 32.83 -23.95 7.03
N PHE A 175 33.17 -24.38 5.83
CA PHE A 175 33.27 -25.81 5.54
C PHE A 175 33.94 -26.17 4.23
N LYS A 176 34.47 -27.40 4.19
CA LYS A 176 35.11 -27.94 2.99
C LYS A 176 33.92 -28.59 2.28
N PRO A 177 33.66 -28.21 1.03
CA PRO A 177 32.52 -28.82 0.33
C PRO A 177 32.58 -30.32 0.07
N GLY A 178 31.54 -31.02 0.48
CA GLY A 178 31.44 -32.46 0.26
C GLY A 178 31.81 -33.41 1.39
N SER A 179 32.59 -32.94 2.35
CA SER A 179 33.01 -33.77 3.46
C SER A 179 33.44 -32.91 4.64
N GLY A 180 33.73 -33.55 5.76
CA GLY A 180 34.15 -32.82 6.95
C GLY A 180 32.94 -32.24 7.65
N ASN A 181 33.17 -31.27 8.53
CA ASN A 181 32.09 -30.65 9.28
C ASN A 181 31.99 -29.20 8.95
N VAL A 182 30.86 -28.62 9.31
CA VAL A 182 30.63 -27.19 9.12
C VAL A 182 30.79 -26.58 10.50
N THR A 183 31.65 -25.58 10.62
CA THR A 183 31.84 -24.92 11.88
C THR A 183 31.09 -23.58 11.79
N SER A 184 30.07 -23.43 12.63
CA SER A 184 29.27 -22.21 12.65
C SER A 184 29.51 -21.39 13.92
N ASN A 185 29.98 -20.16 13.73
CA ASN A 185 30.25 -19.25 14.83
C ASN A 185 29.16 -18.21 14.82
N GLY A 186 28.42 -18.15 15.92
CA GLY A 186 27.34 -17.20 16.01
C GLY A 186 27.54 -16.11 17.02
N LYS A 187 27.05 -14.92 16.69
CA LYS A 187 27.11 -13.77 17.57
C LYS A 187 25.71 -13.17 17.60
N VAL A 188 25.06 -13.27 18.75
CA VAL A 188 23.71 -12.75 18.93
C VAL A 188 23.73 -11.50 19.82
N GLN A 189 22.98 -10.47 19.43
CA GLN A 189 22.90 -9.25 20.22
C GLN A 189 21.46 -8.85 20.37
N VAL A 190 21.03 -8.62 21.61
CA VAL A 190 19.64 -8.24 21.87
C VAL A 190 19.59 -6.90 22.59
N ASN A 191 18.74 -6.01 22.11
CA ASN A 191 18.62 -4.69 22.70
C ASN A 191 17.16 -4.31 22.96
N VAL A 192 16.90 -3.78 24.15
CA VAL A 192 15.57 -3.33 24.51
C VAL A 192 15.70 -2.01 25.24
N HIS A 193 14.81 -1.08 24.90
CA HIS A 193 14.78 0.26 25.45
C HIS A 193 13.36 0.60 25.87
N TYR A 194 13.19 0.89 27.16
CA TYR A 194 11.90 1.25 27.73
C TYR A 194 12.09 2.66 28.30
N PHE A 195 11.26 3.60 27.91
CA PHE A 195 11.45 4.96 28.39
C PHE A 195 10.24 5.74 28.89
N GLU A 196 9.37 5.11 29.67
CA GLU A 196 8.24 5.84 30.23
C GLU A 196 8.68 6.28 31.61
N ASP A 197 8.76 7.59 31.81
CA ASP A 197 9.21 8.15 33.09
C ASP A 197 10.55 7.57 33.49
N GLY A 198 11.45 7.50 32.52
CA GLY A 198 12.76 6.98 32.80
C GLY A 198 13.37 6.43 31.54
N ASN A 199 14.46 5.68 31.73
CA ASN A 199 15.17 5.11 30.62
C ASN A 199 15.87 3.83 31.10
N VAL A 200 15.32 2.69 30.69
CA VAL A 200 15.86 1.40 31.06
C VAL A 200 16.27 0.66 29.79
N GLN A 201 17.42 0.01 29.83
CA GLN A 201 17.91 -0.72 28.66
C GLN A 201 18.48 -2.09 28.96
N LEU A 202 18.19 -3.03 28.08
CA LEU A 202 18.70 -4.40 28.17
C LEU A 202 19.66 -4.48 26.99
N ASN A 203 20.87 -5.00 27.25
CA ASN A 203 21.91 -5.14 26.22
C ASN A 203 22.60 -6.50 26.38
N THR A 204 22.53 -7.33 25.35
CA THR A 204 23.16 -8.64 25.41
C THR A 204 24.07 -8.90 24.22
N VAL A 205 25.10 -9.71 24.45
CA VAL A 205 26.06 -10.11 23.44
C VAL A 205 26.47 -11.53 23.79
N THR A 206 26.14 -12.46 22.91
CA THR A 206 26.43 -13.88 23.12
C THR A 206 27.14 -14.46 21.91
N GLN A 207 28.17 -15.27 22.14
CA GLN A 207 28.91 -15.92 21.07
C GLN A 207 28.85 -17.41 21.29
N LYS A 208 28.48 -18.13 20.22
CA LYS A 208 28.35 -19.58 20.28
C LYS A 208 28.97 -20.22 19.05
N GLN A 209 29.31 -21.48 19.16
CA GLN A 209 29.87 -22.23 18.04
C GLN A 209 29.24 -23.61 18.00
N THR A 210 28.76 -24.01 16.83
CA THR A 210 28.16 -25.32 16.67
C THR A 210 28.89 -26.05 15.55
N THR A 211 28.60 -27.35 15.43
CA THR A 211 29.22 -28.16 14.39
C THR A 211 28.21 -29.12 13.80
N SER A 212 28.33 -29.36 12.50
CA SER A 212 27.44 -30.28 11.80
C SER A 212 28.10 -30.81 10.51
N PRO A 213 27.56 -31.91 9.96
CA PRO A 213 28.06 -32.55 8.74
C PRO A 213 28.07 -31.72 7.45
N SER A 214 29.16 -31.84 6.70
CA SER A 214 29.30 -31.16 5.43
C SER A 214 29.23 -32.21 4.33
N ALA A 215 28.06 -32.34 3.69
CA ALA A 215 27.86 -33.31 2.62
C ALA A 215 27.27 -32.61 1.39
N ASP A 216 26.16 -33.13 0.88
CA ASP A 216 25.50 -32.51 -0.26
C ASP A 216 24.89 -31.18 0.19
N ALA A 217 25.01 -30.15 -0.66
CA ALA A 217 24.52 -28.80 -0.37
C ALA A 217 23.21 -28.73 0.41
N GLN A 218 22.17 -29.42 -0.07
CA GLN A 218 20.88 -29.42 0.61
C GLN A 218 21.01 -29.84 2.07
N SER A 219 21.71 -30.95 2.31
CA SER A 219 21.91 -31.48 3.67
C SER A 219 22.75 -30.56 4.54
N THR A 220 23.87 -30.12 4.00
CA THR A 220 24.78 -29.22 4.70
C THR A 220 24.01 -28.04 5.26
N ALA A 221 23.12 -27.48 4.45
CA ALA A 221 22.31 -26.33 4.85
C ALA A 221 21.30 -26.71 5.93
N VAL A 222 20.58 -27.78 5.69
CA VAL A 222 19.55 -28.25 6.62
C VAL A 222 20.14 -28.58 7.98
N ASN A 223 21.26 -29.29 7.99
CA ASN A 223 21.87 -29.67 9.25
C ASN A 223 22.57 -28.52 9.93
N ALA A 224 22.96 -27.50 9.18
CA ALA A 224 23.62 -26.36 9.79
C ALA A 224 22.57 -25.56 10.56
N PHE A 225 21.39 -25.45 9.98
CA PHE A 225 20.29 -24.72 10.61
C PHE A 225 19.66 -25.47 11.74
N LYS A 226 19.78 -26.79 11.74
CA LYS A 226 19.24 -27.58 12.84
C LYS A 226 20.11 -27.21 14.05
N ALA A 227 21.41 -27.15 13.82
CA ALA A 227 22.36 -26.82 14.88
C ALA A 227 22.18 -25.38 15.34
N ILE A 228 22.22 -24.45 14.38
CA ILE A 228 22.05 -23.03 14.67
C ILE A 228 20.73 -22.75 15.43
N GLY A 229 19.66 -23.38 14.99
CA GLY A 229 18.36 -23.18 15.63
C GLY A 229 18.28 -23.71 17.06
N LYS A 230 19.04 -24.77 17.32
CA LYS A 230 19.08 -25.37 18.63
C LYS A 230 19.87 -24.46 19.56
N ALA A 231 21.00 -23.96 19.06
CA ALA A 231 21.83 -23.06 19.85
C ALA A 231 21.03 -21.82 20.27
N GLU A 232 20.29 -21.23 19.33
CA GLU A 232 19.49 -20.04 19.62
C GLU A 232 18.32 -20.32 20.54
N LEU A 233 17.74 -21.52 20.44
CA LEU A 233 16.64 -21.90 21.32
C LEU A 233 17.17 -21.95 22.74
N ASN A 234 18.34 -22.56 22.92
CA ASN A 234 18.95 -22.66 24.23
C ASN A 234 19.27 -21.30 24.79
N LEU A 235 19.85 -20.43 23.95
CA LEU A 235 20.18 -19.08 24.38
C LEU A 235 18.92 -18.32 24.78
N HIS A 236 17.84 -18.53 24.02
CA HIS A 236 16.58 -17.86 24.31
C HIS A 236 16.05 -18.35 25.65
N THR A 237 16.14 -19.66 25.87
CA THR A 237 15.68 -20.25 27.12
C THR A 237 16.49 -19.69 28.27
N ALA A 238 17.81 -19.73 28.12
CA ALA A 238 18.72 -19.22 29.13
C ALA A 238 18.37 -17.76 29.46
N LEU A 239 18.00 -17.00 28.45
CA LEU A 239 17.65 -15.60 28.66
C LEU A 239 16.37 -15.45 29.48
N ASP A 240 15.40 -16.33 29.28
CA ASP A 240 14.15 -16.26 30.02
C ASP A 240 14.39 -16.63 31.50
N ASN A 241 15.21 -17.65 31.71
CA ASN A 241 15.54 -18.08 33.07
C ASN A 241 16.29 -16.96 33.80
N ASN A 242 17.26 -16.37 33.11
CA ASN A 242 18.06 -15.30 33.68
C ASN A 242 17.24 -14.17 34.29
N TYR A 243 16.13 -13.83 33.66
CA TYR A 243 15.27 -12.77 34.18
C TYR A 243 14.83 -13.09 35.61
N SER A 244 14.41 -14.33 35.82
CA SER A 244 13.95 -14.77 37.13
C SER A 244 15.10 -14.71 38.12
N THR A 245 16.23 -15.31 37.73
CA THR A 245 17.41 -15.33 38.58
C THR A 245 17.79 -13.93 39.05
N MET A 246 17.91 -13.00 38.13
CA MET A 246 18.27 -11.63 38.46
C MET A 246 17.27 -11.02 39.42
N GLY A 247 15.99 -11.09 39.07
CA GLY A 247 14.96 -10.52 39.90
C GLY A 247 14.72 -11.24 41.22
N ASP A 248 15.16 -12.49 41.31
CA ASP A 248 14.97 -13.27 42.53
C ASP A 248 16.23 -13.37 43.36
N THR A 249 17.34 -12.90 42.82
CA THR A 249 18.59 -12.96 43.57
C THR A 249 19.17 -11.57 43.81
N THR A 250 19.91 -11.06 42.83
CA THR A 250 20.53 -9.74 42.95
C THR A 250 19.54 -8.64 43.30
N PHE A 251 18.37 -8.63 42.66
CA PHE A 251 17.37 -7.61 42.90
C PHE A 251 16.85 -7.56 44.33
N LYS A 252 16.42 -8.70 44.85
CA LYS A 252 15.89 -8.74 46.20
C LYS A 252 17.00 -8.50 47.21
N ALA A 253 18.25 -8.72 46.77
CA ALA A 253 19.41 -8.51 47.61
C ALA A 253 19.91 -7.06 47.57
N LEU A 254 19.05 -6.14 47.14
CA LEU A 254 19.42 -4.73 47.10
C LEU A 254 18.60 -3.99 48.13
N ARG A 255 17.31 -3.81 47.85
CA ARG A 255 16.41 -3.16 48.80
C ARG A 255 15.21 -4.06 49.07
N ARG A 256 15.05 -4.44 50.33
CA ARG A 256 13.93 -5.28 50.72
C ARG A 256 12.62 -4.61 50.36
N ALA A 257 11.57 -5.42 50.18
CA ALA A 257 10.27 -4.88 49.88
C ALA A 257 9.76 -4.34 51.22
N LEU A 258 10.20 -5.01 52.29
CA LEU A 258 9.83 -4.63 53.66
C LEU A 258 10.97 -4.98 54.60
N PRO A 259 11.07 -4.29 55.74
CA PRO A 259 12.15 -4.59 56.68
C PRO A 259 12.06 -6.05 57.12
N ILE A 260 13.15 -6.56 57.69
CA ILE A 260 13.19 -7.96 58.11
C ILE A 260 12.00 -8.40 58.96
N ASN A 261 11.27 -7.45 59.55
CA ASN A 261 10.11 -7.77 60.37
C ASN A 261 8.81 -7.32 59.72
N ARG A 262 8.77 -7.39 58.39
CA ARG A 262 7.60 -7.04 57.59
C ARG A 262 6.70 -5.92 58.12
N THR A 263 7.27 -4.80 58.54
CA THR A 263 6.44 -3.71 59.05
C THR A 263 6.94 -2.35 58.62
N LYS A 264 6.05 -1.52 58.09
CA LYS A 264 6.46 -0.18 57.68
C LYS A 264 6.90 0.60 58.90
N ILE A 265 8.11 1.15 58.83
CA ILE A 265 8.71 1.91 59.91
C ILE A 265 7.75 2.80 60.69
N ASN A 266 7.92 2.83 62.01
CA ASN A 266 7.10 3.67 62.87
C ASN A 266 7.96 4.93 63.01
N TRP A 267 7.71 5.89 62.13
CA TRP A 267 8.49 7.11 62.13
C TRP A 267 8.40 7.93 63.39
N GLN A 268 7.27 7.88 64.09
CA GLN A 268 7.13 8.62 65.34
C GLN A 268 8.21 8.14 66.30
N LYS A 269 8.54 6.86 66.19
CA LYS A 269 9.59 6.24 67.00
C LYS A 269 10.80 6.04 66.09
N VAL A 270 11.76 5.21 66.53
CA VAL A 270 12.98 4.95 65.75
C VAL A 270 14.06 6.01 66.04
N THR B 20 18.12 28.25 27.05
CA THR B 20 17.45 27.86 25.77
C THR B 20 16.57 26.65 26.01
N GLU B 21 15.26 26.86 26.14
CA GLU B 21 14.34 25.77 26.39
C GLU B 21 14.46 24.65 25.35
N LYS B 22 14.76 25.02 24.11
CA LYS B 22 14.89 24.05 23.04
C LYS B 22 16.07 23.12 23.25
N GLN B 23 17.21 23.68 23.63
CA GLN B 23 18.41 22.90 23.87
C GLN B 23 18.27 22.03 25.11
N LEU B 24 17.70 22.61 26.16
CA LEU B 24 17.48 21.87 27.40
C LEU B 24 16.53 20.72 27.08
N SER B 25 15.56 20.99 26.22
CA SER B 25 14.58 20.00 25.80
C SER B 25 15.26 18.84 25.11
N CYS B 26 16.18 19.15 24.21
CA CYS B 26 16.89 18.12 23.48
C CYS B 26 17.87 17.35 24.36
N CYS B 27 18.48 18.03 25.33
CA CYS B 27 19.42 17.35 26.22
C CYS B 27 18.69 16.28 27.03
N LEU B 28 17.57 16.67 27.64
CA LEU B 28 16.79 15.75 28.45
C LEU B 28 16.29 14.57 27.63
N ASP B 29 15.80 14.84 26.43
CA ASP B 29 15.33 13.76 25.57
C ASP B 29 16.50 12.87 25.17
N LEU B 30 17.62 13.48 24.79
CA LEU B 30 18.79 12.71 24.39
C LEU B 30 19.26 11.76 25.51
N MET B 31 19.30 12.27 26.74
CA MET B 31 19.74 11.48 27.89
C MET B 31 18.77 10.35 28.24
N ARG B 32 17.53 10.45 27.75
CA ARG B 32 16.56 9.40 28.01
C ARG B 32 16.70 8.30 26.97
N ARG B 33 17.46 8.56 25.92
CA ARG B 33 17.66 7.58 24.85
C ARG B 33 19.05 6.93 24.88
N LEU B 34 20.08 7.68 25.28
CA LEU B 34 21.45 7.17 25.33
C LEU B 34 21.65 6.10 26.40
N PRO B 35 22.61 5.19 26.18
CA PRO B 35 22.92 4.10 27.12
C PRO B 35 23.22 4.60 28.53
N PRO B 36 22.42 4.17 29.52
CA PRO B 36 22.60 4.59 30.91
C PRO B 36 24.02 4.36 31.45
N SER B 37 24.65 3.27 31.01
CA SER B 37 25.99 2.91 31.45
C SER B 37 27.07 3.93 31.07
N GLN B 38 26.75 4.82 30.14
CA GLN B 38 27.71 5.82 29.68
C GLN B 38 27.28 7.21 30.13
N ILE B 39 26.36 7.25 31.08
CA ILE B 39 25.84 8.52 31.57
C ILE B 39 26.92 9.50 32.05
N GLU B 40 27.92 9.00 32.77
CA GLU B 40 28.98 9.86 33.26
C GLU B 40 29.71 10.59 32.14
N ASP B 41 30.20 9.83 31.15
CA ASP B 41 30.91 10.44 30.03
C ASP B 41 29.99 11.33 29.21
N ASN B 42 28.75 10.87 29.03
CA ASN B 42 27.80 11.62 28.22
C ASN B 42 27.37 12.95 28.82
N LEU B 43 27.21 13.00 30.14
CA LEU B 43 26.83 14.25 30.77
C LEU B 43 27.96 15.28 30.61
N ALA B 44 29.19 14.84 30.84
CA ALA B 44 30.34 15.72 30.68
C ALA B 44 30.31 16.27 29.26
N GLY B 45 30.10 15.37 28.30
CA GLY B 45 30.03 15.77 26.91
C GLY B 45 29.07 16.90 26.66
N LEU B 46 27.88 16.80 27.26
CA LEU B 46 26.86 17.83 27.10
C LEU B 46 27.34 19.15 27.69
N LEU B 47 27.98 19.08 28.85
CA LEU B 47 28.49 20.28 29.51
C LEU B 47 29.45 21.01 28.57
N ASP B 48 30.27 20.24 27.84
CA ASP B 48 31.20 20.80 26.87
C ASP B 48 30.41 21.44 25.73
N LEU B 49 29.39 20.72 25.25
CA LEU B 49 28.55 21.21 24.15
C LEU B 49 27.70 22.44 24.48
N VAL B 50 27.06 22.44 25.64
CA VAL B 50 26.22 23.57 26.01
C VAL B 50 26.45 24.04 27.45
N PRO B 51 27.62 24.66 27.70
CA PRO B 51 27.97 25.16 29.03
C PRO B 51 26.98 26.16 29.63
N ASP B 52 26.21 26.82 28.79
CA ASP B 52 25.23 27.76 29.31
C ASP B 52 24.06 27.04 29.94
N LEU B 53 24.19 25.72 30.08
CA LEU B 53 23.15 24.91 30.69
C LEU B 53 23.73 24.06 31.82
N THR B 54 24.99 24.30 32.17
CA THR B 54 25.67 23.56 33.22
C THR B 54 24.83 23.41 34.50
N GLU B 55 24.21 24.50 34.94
CA GLU B 55 23.40 24.47 36.16
C GLU B 55 22.17 23.58 36.01
N ASP B 56 21.38 23.81 34.96
CA ASP B 56 20.18 23.01 34.71
C ASP B 56 20.52 21.54 34.50
N LEU B 57 21.55 21.29 33.70
CA LEU B 57 21.95 19.91 33.43
C LEU B 57 22.31 19.20 34.73
N LEU B 58 23.27 19.76 35.47
CA LEU B 58 23.71 19.18 36.74
C LEU B 58 22.54 18.95 37.69
N SER B 59 21.46 19.70 37.49
CA SER B 59 20.29 19.61 38.36
C SER B 59 19.19 18.66 37.95
N SER B 60 18.92 18.52 36.66
CA SER B 60 17.84 17.64 36.23
C SER B 60 18.28 16.26 35.71
N ILE B 61 19.59 16.04 35.60
CA ILE B 61 20.09 14.75 35.13
C ILE B 61 20.88 14.11 36.26
N ASP B 62 20.46 12.92 36.68
CA ASP B 62 21.13 12.22 37.77
C ASP B 62 21.92 11.04 37.25
N GLN B 63 22.85 10.56 38.07
CA GLN B 63 23.68 9.42 37.73
C GLN B 63 24.20 8.78 39.01
N PRO B 64 24.64 7.52 38.93
CA PRO B 64 25.16 6.80 40.10
C PRO B 64 26.14 7.69 40.88
N LEU B 65 26.04 7.68 42.20
CA LEU B 65 26.90 8.52 43.05
C LEU B 65 28.16 7.82 43.57
N LYS B 66 29.22 8.61 43.72
CA LYS B 66 30.49 8.10 44.22
C LYS B 66 30.56 8.18 45.74
N VAL B 67 31.30 7.25 46.33
CA VAL B 67 31.45 7.20 47.78
C VAL B 67 32.74 7.87 48.24
N ALA B 68 32.65 8.62 49.33
CA ALA B 68 33.80 9.31 49.90
C ALA B 68 33.92 8.93 51.37
N TYR B 69 35.09 9.18 51.94
CA TYR B 69 35.34 8.85 53.34
C TYR B 69 35.59 10.09 54.19
N ASP B 70 34.82 10.21 55.26
CA ASP B 70 34.96 11.31 56.20
C ASP B 70 35.90 10.79 57.30
N ALA B 71 37.14 11.28 57.30
CA ALA B 71 38.13 10.86 58.28
C ALA B 71 37.89 11.36 59.70
N VAL B 72 37.10 12.43 59.85
CA VAL B 72 36.78 12.98 61.17
C VAL B 72 35.71 12.13 61.82
N SER B 73 34.68 11.80 61.06
CA SER B 73 33.59 11.00 61.60
C SER B 73 33.86 9.51 61.44
N LYS B 74 34.88 9.17 60.64
CA LYS B 74 35.20 7.78 60.37
C LYS B 74 33.98 7.08 59.75
N LYS B 75 33.33 7.75 58.81
CA LYS B 75 32.16 7.21 58.12
C LYS B 75 32.17 7.59 56.65
N ASP B 76 31.51 6.79 55.83
CA ASP B 76 31.43 7.09 54.42
C ASP B 76 30.25 8.02 54.12
N TYR B 77 30.34 8.77 53.03
CA TYR B 77 29.24 9.66 52.64
C TYR B 77 29.14 9.71 51.11
N LEU B 78 28.00 10.16 50.60
CA LEU B 78 27.76 10.22 49.16
C LEU B 78 28.01 11.57 48.50
N LEU B 79 28.61 11.52 47.31
CA LEU B 79 28.92 12.72 46.56
C LEU B 79 27.87 13.00 45.49
N CYS B 80 27.35 14.22 45.49
CA CYS B 80 26.35 14.61 44.51
C CYS B 80 26.50 16.12 44.31
N ASP B 81 25.71 16.69 43.42
CA ASP B 81 25.82 18.11 43.17
C ASP B 81 25.20 18.93 44.28
N TYR B 82 24.47 18.28 45.19
CA TYR B 82 23.82 18.99 46.28
C TYR B 82 24.72 19.30 47.49
N ASN B 83 25.80 18.53 47.68
CA ASN B 83 26.71 18.81 48.79
C ASN B 83 28.04 19.33 48.24
N ARG B 84 27.97 19.94 47.06
CA ARG B 84 29.15 20.46 46.36
C ARG B 84 29.26 21.99 46.29
N ASP B 85 30.51 22.46 46.34
CA ASP B 85 30.82 23.89 46.25
C ASP B 85 32.16 23.85 45.53
N ALA B 86 32.23 24.51 44.38
CA ALA B 86 33.45 24.52 43.58
C ALA B 86 33.79 23.05 43.32
N ASP B 87 35.01 22.63 43.64
CA ASP B 87 35.39 21.24 43.45
C ASP B 87 35.42 20.45 44.75
N SER B 88 34.80 21.00 45.79
CA SER B 88 34.79 20.33 47.07
C SER B 88 33.43 19.79 47.43
N TYR B 89 33.40 18.87 48.39
CA TYR B 89 32.16 18.23 48.85
C TYR B 89 32.02 18.27 50.36
N ARG B 90 30.82 18.60 50.82
CA ARG B 90 30.53 18.71 52.23
C ARG B 90 30.05 17.37 52.82
N SER B 91 30.63 17.00 53.95
CA SER B 91 30.24 15.76 54.61
C SER B 91 29.03 16.01 55.53
N PRO B 92 28.02 15.12 55.46
CA PRO B 92 26.82 15.23 56.28
C PRO B 92 27.09 14.96 57.76
N TRP B 93 28.19 14.30 58.04
CA TRP B 93 28.54 13.96 59.42
C TRP B 93 29.39 15.03 60.10
N SER B 94 30.41 15.56 59.41
CA SER B 94 31.26 16.57 60.00
C SER B 94 30.91 18.00 59.59
N ASN B 95 30.11 18.14 58.52
CA ASN B 95 29.71 19.45 58.02
C ASN B 95 30.93 20.20 57.51
N LYS B 96 31.97 19.47 57.15
CA LYS B 96 33.22 20.04 56.65
C LYS B 96 33.47 19.67 55.17
N TYR B 97 34.14 20.56 54.45
CA TYR B 97 34.44 20.29 53.05
C TYR B 97 35.77 19.59 52.81
N ASP B 98 35.84 18.88 51.70
CA ASP B 98 37.04 18.17 51.28
C ASP B 98 37.11 18.20 49.75
N PRO B 99 38.14 18.84 49.20
CA PRO B 99 39.23 19.53 49.90
C PRO B 99 38.70 20.76 50.61
N PRO B 100 39.40 21.22 51.66
CA PRO B 100 38.96 22.41 52.40
C PRO B 100 39.04 23.63 51.50
N LEU B 101 38.11 24.55 51.69
CA LEU B 101 38.11 25.79 50.93
C LEU B 101 37.36 26.89 51.68
N SER B 102 37.67 28.13 51.34
CA SER B 102 37.03 29.27 51.98
C SER B 102 35.83 29.74 51.20
N GLY B 103 34.94 30.42 51.89
CA GLY B 103 33.74 30.96 51.26
C GLY B 103 32.70 29.96 50.80
N ALA B 104 32.78 28.71 51.26
CA ALA B 104 31.79 27.71 50.88
C ALA B 104 30.40 27.97 51.47
N CYS B 105 29.44 27.13 51.10
CA CYS B 105 28.05 27.23 51.54
C CYS B 105 27.67 26.11 52.55
N TYR B 106 27.08 26.49 53.68
CA TYR B 106 26.66 25.51 54.68
C TYR B 106 25.23 25.80 55.05
N PRO B 107 24.51 24.79 55.56
CA PRO B 107 23.12 25.08 55.92
C PRO B 107 23.09 26.05 57.10
N SER B 108 21.98 26.78 57.24
CA SER B 108 21.84 27.72 58.34
C SER B 108 21.88 26.89 59.61
N SER B 109 22.21 27.54 60.72
CA SER B 109 22.29 26.89 62.01
C SER B 109 21.07 26.01 62.33
N LYS B 110 19.88 26.57 62.17
CA LYS B 110 18.67 25.81 62.45
C LYS B 110 18.48 24.66 61.46
N LEU B 111 18.77 24.89 60.18
CA LEU B 111 18.60 23.84 59.19
C LEU B 111 19.61 22.73 59.38
N ARG B 112 20.76 23.04 59.97
CA ARG B 112 21.78 22.03 60.21
C ARG B 112 21.33 21.06 61.27
N ASP B 113 20.58 21.55 62.26
CA ASP B 113 20.07 20.69 63.32
C ASP B 113 19.13 19.67 62.72
N ILE B 114 18.35 20.08 61.73
CA ILE B 114 17.41 19.20 61.07
C ILE B 114 18.18 18.20 60.21
N GLU B 115 19.27 18.66 59.60
CA GLU B 115 20.11 17.81 58.75
C GLU B 115 20.71 16.67 59.57
N VAL B 116 21.17 16.97 60.78
CA VAL B 116 21.74 15.95 61.66
C VAL B 116 20.67 14.90 62.01
N GLN B 117 19.49 15.35 62.41
CA GLN B 117 18.39 14.43 62.74
C GLN B 117 18.04 13.57 61.51
N ALA B 118 17.93 14.21 60.36
CA ALA B 118 17.59 13.52 59.13
C ALA B 118 18.60 12.43 58.81
N ASN B 119 19.88 12.76 58.86
CA ASN B 119 20.91 11.78 58.58
C ASN B 119 20.85 10.61 59.57
N GLU B 120 20.46 10.90 60.81
CA GLU B 120 20.36 9.85 61.82
C GLU B 120 19.22 8.86 61.57
N ILE B 121 18.03 9.34 61.24
CA ILE B 121 16.95 8.39 60.99
C ILE B 121 17.08 7.66 59.67
N PHE B 122 17.57 8.33 58.62
CA PHE B 122 17.70 7.65 57.35
C PHE B 122 18.81 6.61 57.34
N GLU B 123 19.71 6.69 58.32
CA GLU B 123 20.76 5.69 58.42
C GLU B 123 20.08 4.46 59.02
N ILE B 124 19.01 4.71 59.78
CA ILE B 124 18.27 3.61 60.36
C ILE B 124 17.44 3.01 59.23
N TYR B 125 16.78 3.88 58.48
CA TYR B 125 15.98 3.45 57.33
C TYR B 125 16.86 2.59 56.43
N LEU B 126 18.12 3.01 56.29
CA LEU B 126 19.08 2.27 55.47
C LEU B 126 19.25 0.86 56.03
N ASN B 127 19.50 0.77 57.32
CA ASN B 127 19.69 -0.53 57.97
C ASN B 127 18.50 -1.46 57.74
N LEU B 128 17.30 -0.91 57.86
CA LEU B 128 16.07 -1.68 57.73
C LEU B 128 15.72 -2.14 56.32
N TYR B 129 15.90 -1.25 55.35
CA TYR B 129 15.56 -1.57 53.96
C TYR B 129 16.71 -2.02 53.06
N PHE B 130 17.95 -1.85 53.49
CA PHE B 130 19.09 -2.25 52.69
C PHE B 130 20.06 -3.20 53.39
N GLU B 131 20.10 -3.15 54.72
CA GLU B 131 20.97 -4.02 55.49
C GLU B 131 22.41 -3.89 55.01
N GLY B 132 22.82 -2.65 54.80
CA GLY B 132 24.17 -2.37 54.33
C GLY B 132 24.10 -1.17 53.40
N GLY B 133 25.22 -0.86 52.76
CA GLY B 133 25.24 0.27 51.86
C GLY B 133 25.63 1.54 52.60
N VAL B 134 25.30 2.69 52.01
CA VAL B 134 25.61 3.96 52.62
C VAL B 134 24.48 4.98 52.42
N SER B 135 24.35 5.89 53.38
CA SER B 135 23.31 6.92 53.32
C SER B 135 23.90 8.31 53.43
N SER B 136 23.11 9.30 53.05
CA SER B 136 23.50 10.70 53.11
C SER B 136 22.34 11.63 52.83
N VAL B 137 22.18 12.65 53.68
CA VAL B 137 21.13 13.63 53.50
C VAL B 137 21.78 15.00 53.60
N TYR B 138 21.46 15.87 52.66
CA TYR B 138 21.99 17.22 52.62
C TYR B 138 20.81 18.18 52.51
N CYS B 139 20.83 19.24 53.31
CA CYS B 139 19.78 20.25 53.29
C CYS B 139 20.36 21.59 52.90
N TRP B 140 19.57 22.42 52.23
CA TRP B 140 20.01 23.75 51.88
C TRP B 140 18.86 24.72 52.09
N ASP B 141 19.18 25.89 52.64
CA ASP B 141 18.19 26.92 52.92
C ASP B 141 17.53 27.49 51.67
N LEU B 142 16.25 27.77 51.79
CA LEU B 142 15.48 28.37 50.70
C LEU B 142 14.72 29.48 51.41
N ASP B 143 15.49 30.49 51.80
CA ASP B 143 14.98 31.64 52.54
C ASP B 143 14.49 31.10 53.85
N ASP B 144 13.21 31.27 54.14
CA ASP B 144 12.66 30.78 55.38
C ASP B 144 12.26 29.31 55.24
N ASN B 145 12.20 28.85 53.99
CA ASN B 145 11.88 27.46 53.66
C ASN B 145 13.17 26.67 53.45
N PHE B 146 13.05 25.41 53.03
CA PHE B 146 14.23 24.60 52.78
C PHE B 146 13.91 23.39 51.91
N ALA B 147 14.97 22.77 51.37
CA ALA B 147 14.86 21.59 50.54
C ALA B 147 15.97 20.64 50.96
N ALA B 148 15.84 19.36 50.60
CA ALA B 148 16.86 18.38 50.97
C ALA B 148 16.85 17.17 50.05
N VAL B 149 17.99 16.50 49.99
CA VAL B 149 18.11 15.29 49.18
C VAL B 149 18.45 14.11 50.08
N VAL B 150 17.72 13.01 49.92
CA VAL B 150 17.96 11.80 50.69
C VAL B 150 18.61 10.80 49.74
N LEU B 151 19.79 10.29 50.11
CA LEU B 151 20.53 9.37 49.26
C LEU B 151 20.79 7.99 49.84
N MET B 152 20.63 6.98 49.00
CA MET B 152 20.87 5.59 49.39
C MET B 152 21.75 4.96 48.29
N LYS B 153 22.72 4.15 48.69
CA LYS B 153 23.55 3.44 47.71
C LYS B 153 23.88 2.06 48.26
N LYS B 154 23.65 1.05 47.44
CA LYS B 154 23.90 -0.33 47.83
C LYS B 154 24.38 -1.12 46.61
N THR B 155 25.37 -1.98 46.83
CA THR B 155 25.91 -2.79 45.74
C THR B 155 26.00 -4.24 46.22
N GLN B 156 25.28 -5.12 45.54
CA GLN B 156 25.27 -6.53 45.91
C GLN B 156 26.07 -7.41 44.96
N ASP B 157 26.84 -8.33 45.54
CA ASP B 157 27.66 -9.24 44.75
C ASP B 157 27.07 -10.65 44.72
N PRO B 164 28.47 -15.58 38.16
CA PRO B 164 28.72 -14.18 38.47
C PRO B 164 27.51 -13.30 38.19
N MET B 165 27.06 -12.59 39.21
CA MET B 165 25.93 -11.70 39.05
C MET B 165 26.03 -10.56 40.07
N ARG B 166 26.08 -9.32 39.58
CA ARG B 166 26.19 -8.17 40.44
C ARG B 166 25.15 -7.12 40.12
N GLY B 167 24.85 -6.27 41.10
CA GLY B 167 23.88 -5.22 40.93
C GLY B 167 24.19 -4.00 41.76
N THR B 168 23.64 -2.86 41.35
CA THR B 168 23.85 -1.61 42.05
C THR B 168 22.55 -0.84 42.14
N TRP B 169 22.31 -0.23 43.29
CA TRP B 169 21.12 0.56 43.53
C TRP B 169 21.49 1.94 44.04
N ASP B 170 20.94 2.98 43.41
CA ASP B 170 21.15 4.36 43.83
C ASP B 170 19.80 5.06 43.91
N SER B 171 19.52 5.67 45.06
CA SER B 171 18.27 6.39 45.28
C SER B 171 18.59 7.85 45.52
N ILE B 172 17.79 8.73 44.93
CA ILE B 172 17.95 10.15 45.16
C ILE B 172 16.54 10.72 45.28
N HIS B 173 16.25 11.31 46.44
CA HIS B 173 14.94 11.92 46.70
C HIS B 173 15.10 13.38 47.03
N VAL B 174 14.72 14.25 46.10
CA VAL B 174 14.80 15.67 46.33
C VAL B 174 13.46 16.15 46.92
N VAL B 175 13.49 16.54 48.20
CA VAL B 175 12.29 17.01 48.88
C VAL B 175 12.30 18.51 49.05
N GLU B 176 11.17 19.13 48.71
CA GLU B 176 11.03 20.59 48.79
C GLU B 176 9.96 20.89 49.84
N VAL B 177 10.35 21.63 50.87
CA VAL B 177 9.42 21.97 51.95
C VAL B 177 9.07 23.45 51.99
N LYS B 178 7.78 23.75 51.86
CA LYS B 178 7.29 25.12 51.91
C LYS B 178 6.40 25.28 53.14
N LEU B 179 6.93 25.93 54.17
CA LEU B 179 6.18 26.12 55.40
C LEU B 179 4.85 26.80 55.09
N GLY B 180 3.78 26.34 55.75
CA GLY B 180 2.47 26.91 55.50
C GLY B 180 1.76 27.52 56.70
N LYS B 181 2.04 28.80 56.96
CA LYS B 181 1.45 29.55 58.06
C LYS B 181 1.59 28.98 59.47
N LYS B 182 0.94 27.86 59.75
CA LYS B 182 1.03 27.26 61.09
C LYS B 182 0.91 25.75 61.14
N ASP B 183 1.92 25.11 61.73
CA ASP B 183 2.00 23.67 61.90
C ASP B 183 1.61 22.77 60.72
N LYS B 184 1.53 23.32 59.52
CA LYS B 184 1.19 22.53 58.34
C LYS B 184 2.04 22.92 57.14
N ALA B 185 2.70 21.93 56.55
CA ALA B 185 3.56 22.20 55.41
C ALA B 185 3.30 21.24 54.25
N VAL B 186 3.67 21.69 53.06
CA VAL B 186 3.51 20.89 51.86
C VAL B 186 4.88 20.33 51.48
N TYR B 187 4.93 19.02 51.30
CA TYR B 187 6.17 18.34 50.94
C TYR B 187 6.14 17.88 49.49
N LYS B 188 7.02 18.45 48.66
CA LYS B 188 7.10 18.07 47.26
C LYS B 188 8.28 17.11 47.05
N LEU B 189 8.00 15.93 46.52
CA LEU B 189 9.04 14.94 46.32
C LEU B 189 9.23 14.48 44.88
N THR B 190 10.48 14.54 44.43
CA THR B 190 10.83 14.09 43.09
C THR B 190 11.87 12.99 43.33
N SER B 191 11.48 11.75 43.09
CA SER B 191 12.36 10.61 43.33
C SER B 191 12.83 9.91 42.07
N THR B 192 14.06 9.41 42.13
CA THR B 192 14.66 8.69 41.01
C THR B 192 15.45 7.54 41.59
N VAL B 193 15.31 6.37 40.98
CA VAL B 193 16.07 5.21 41.42
C VAL B 193 16.83 4.71 40.21
N MET B 194 18.15 4.56 40.36
CA MET B 194 19.01 4.07 39.29
C MET B 194 19.37 2.63 39.64
N LEU B 195 19.03 1.71 38.73
CA LEU B 195 19.28 0.29 38.97
C LEU B 195 20.01 -0.42 37.82
N SER B 196 21.01 -1.20 38.16
CA SER B 196 21.76 -1.94 37.15
C SER B 196 22.12 -3.32 37.67
N ILE B 197 22.06 -4.30 36.78
CA ILE B 197 22.38 -5.69 37.10
C ILE B 197 23.12 -6.21 35.89
N GLU B 198 24.17 -6.99 36.14
CA GLU B 198 24.98 -7.49 35.05
C GLU B 198 25.51 -8.87 35.38
N THR B 199 25.42 -9.77 34.40
CA THR B 199 25.89 -11.12 34.57
C THR B 199 26.55 -11.53 33.27
N ASP B 200 27.49 -12.47 33.37
CA ASP B 200 28.20 -12.94 32.18
C ASP B 200 28.59 -14.38 32.37
N ASN B 201 27.95 -15.26 31.62
CA ASN B 201 28.21 -16.68 31.72
C ASN B 201 28.13 -17.38 30.38
N ASP B 202 28.50 -18.65 30.38
CA ASP B 202 28.54 -19.48 29.17
C ASP B 202 27.19 -19.98 28.71
N ASN B 203 26.13 -19.52 29.33
CA ASN B 203 24.79 -19.96 28.96
C ASN B 203 24.05 -18.80 28.29
N THR B 204 24.15 -17.62 28.90
CA THR B 204 23.47 -16.46 28.36
C THR B 204 24.41 -15.48 27.67
N GLY B 205 25.71 -15.63 27.91
CA GLY B 205 26.64 -14.68 27.33
C GLY B 205 26.60 -13.47 28.25
N LYS B 206 27.01 -12.30 27.77
CA LYS B 206 27.01 -11.08 28.59
C LYS B 206 25.66 -10.32 28.58
N VAL B 207 25.00 -10.28 29.75
CA VAL B 207 23.72 -9.61 29.90
C VAL B 207 23.80 -8.35 30.78
N ASN B 208 23.29 -7.23 30.28
CA ASN B 208 23.32 -5.98 31.05
C ASN B 208 21.99 -5.23 31.09
N LEU B 209 21.53 -4.95 32.30
CA LEU B 209 20.31 -4.20 32.52
C LEU B 209 20.73 -2.95 33.28
N ALA B 210 20.39 -1.79 32.76
CA ALA B 210 20.75 -0.53 33.40
C ALA B 210 19.69 0.50 33.09
N GLY B 211 19.52 1.44 34.01
CA GLY B 211 18.52 2.47 33.80
C GLY B 211 18.09 3.15 35.09
N SER B 212 16.93 3.77 35.03
CA SER B 212 16.39 4.49 36.16
C SER B 212 14.94 4.86 35.88
N LEU B 213 14.21 5.22 36.94
CA LEU B 213 12.82 5.62 36.82
C LEU B 213 12.58 6.75 37.81
N THR B 214 11.73 7.70 37.42
CA THR B 214 11.42 8.83 38.29
C THR B 214 9.93 8.89 38.53
N ARG B 215 9.56 9.43 39.68
CA ARG B 215 8.17 9.57 40.07
C ARG B 215 8.10 10.72 41.07
N GLN B 216 7.03 11.51 40.99
CA GLN B 216 6.84 12.63 41.90
C GLN B 216 5.62 12.45 42.79
N ASP B 217 5.55 13.27 43.84
CA ASP B 217 4.43 13.21 44.76
C ASP B 217 4.49 14.38 45.73
N GLU B 218 3.38 15.11 45.82
CA GLU B 218 3.31 16.24 46.73
C GLU B 218 2.33 15.88 47.84
N LYS B 219 2.57 16.41 49.03
CA LYS B 219 1.69 16.09 50.15
C LYS B 219 1.83 17.06 51.32
N GLU B 220 0.70 17.39 51.93
CA GLU B 220 0.65 18.31 53.05
C GLU B 220 0.65 17.51 54.35
N TYR B 221 1.33 18.05 55.36
CA TYR B 221 1.40 17.38 56.64
C TYR B 221 1.50 18.42 57.76
N THR B 222 1.05 18.01 58.93
CA THR B 222 1.11 18.87 60.11
C THR B 222 2.42 18.47 60.76
N PHE B 223 3.31 19.43 60.96
CA PHE B 223 4.57 19.12 61.62
C PHE B 223 4.61 19.66 63.04
N ASN B 224 4.89 18.76 63.98
CA ASN B 224 4.97 19.11 65.39
C ASN B 224 6.33 18.67 65.88
N GLU B 225 6.45 18.50 67.18
CA GLU B 225 7.70 18.05 67.77
C GLU B 225 7.61 16.53 67.82
N VAL B 226 6.44 16.01 67.44
CA VAL B 226 6.19 14.58 67.41
C VAL B 226 6.27 14.14 65.95
N ASP B 227 5.67 14.94 65.08
CA ASP B 227 5.66 14.67 63.66
C ASP B 227 6.55 15.71 63.02
N THR B 228 7.84 15.56 63.27
CA THR B 228 8.85 16.46 62.76
C THR B 228 8.95 16.34 61.23
N HIS B 229 9.64 17.30 60.61
CA HIS B 229 9.82 17.26 59.17
C HIS B 229 10.49 15.95 58.80
N CYS B 230 11.48 15.53 59.58
CA CYS B 230 12.18 14.29 59.31
C CYS B 230 11.21 13.12 59.26
N VAL B 231 10.19 13.20 60.11
CA VAL B 231 9.18 12.14 60.14
C VAL B 231 8.35 12.20 58.87
N ASN B 232 7.92 13.39 58.50
CA ASN B 232 7.10 13.55 57.29
C ASN B 232 7.87 13.19 56.03
N ILE B 233 9.16 13.46 56.04
CA ILE B 233 10.01 13.15 54.90
C ILE B 233 10.22 11.64 54.81
N GLY B 234 10.41 11.00 55.96
CA GLY B 234 10.61 9.57 55.99
C GLY B 234 9.40 8.78 55.47
N LYS B 235 8.20 9.21 55.86
CA LYS B 235 6.99 8.53 55.40
C LYS B 235 6.87 8.67 53.89
N MET B 236 7.15 9.85 53.37
CA MET B 236 7.06 10.06 51.94
C MET B 236 8.15 9.31 51.17
N VAL B 237 9.36 9.27 51.74
CA VAL B 237 10.46 8.57 51.08
C VAL B 237 10.21 7.07 51.04
N GLU B 238 9.73 6.55 52.17
CA GLU B 238 9.44 5.12 52.28
C GLU B 238 8.38 4.70 51.26
N ASP B 239 7.26 5.41 51.22
CA ASP B 239 6.17 5.10 50.30
C ASP B 239 6.63 5.18 48.84
N MET B 240 7.35 6.25 48.53
CA MET B 240 7.85 6.47 47.18
C MET B 240 8.83 5.41 46.73
N GLU B 241 9.80 5.10 47.57
CA GLU B 241 10.80 4.10 47.21
C GLU B 241 10.20 2.69 47.14
N SER B 242 9.16 2.43 47.93
CA SER B 242 8.53 1.12 47.89
C SER B 242 7.72 0.97 46.61
N LYS B 243 7.19 2.08 46.10
CA LYS B 243 6.41 2.06 44.86
C LYS B 243 7.31 1.97 43.66
N LEU B 244 8.44 2.66 43.69
CA LEU B 244 9.38 2.61 42.58
C LEU B 244 9.96 1.21 42.50
N ARG B 245 10.12 0.57 43.66
CA ARG B 245 10.66 -0.78 43.68
C ARG B 245 9.79 -1.73 42.87
N GLN B 246 8.48 -1.67 43.09
CA GLN B 246 7.58 -2.55 42.35
C GLN B 246 7.56 -2.23 40.86
N THR B 247 7.63 -0.95 40.52
CA THR B 247 7.64 -0.56 39.11
C THR B 247 8.94 -1.01 38.46
N LEU B 248 10.03 -0.90 39.20
CA LEU B 248 11.31 -1.31 38.69
C LEU B 248 11.25 -2.80 38.37
N GLU B 249 10.68 -3.56 39.29
CA GLU B 249 10.57 -4.99 39.11
C GLU B 249 9.73 -5.37 37.89
N THR B 250 8.60 -4.71 37.73
CA THR B 250 7.73 -5.00 36.59
C THR B 250 8.46 -4.73 35.27
N ILE B 251 9.09 -3.57 35.17
CA ILE B 251 9.79 -3.18 33.95
C ILE B 251 11.08 -3.95 33.64
N TYR B 252 12.00 -3.99 34.59
CA TYR B 252 13.26 -4.70 34.39
C TYR B 252 13.13 -6.16 34.06
N PHE B 253 12.28 -6.87 34.79
CA PHE B 253 12.13 -8.31 34.59
C PHE B 253 10.88 -8.79 33.90
N GLY B 254 9.96 -7.87 33.60
CA GLY B 254 8.74 -8.26 32.91
C GLY B 254 8.58 -7.62 31.55
N LYS B 255 8.69 -6.29 31.49
CA LYS B 255 8.53 -5.57 30.23
C LYS B 255 9.62 -5.86 29.21
N THR B 256 10.87 -5.89 29.65
CA THR B 256 11.97 -6.16 28.73
C THR B 256 11.83 -7.58 28.21
N LYS B 257 11.47 -8.50 29.10
CA LYS B 257 11.30 -9.89 28.70
C LYS B 257 10.21 -9.97 27.63
N GLU B 258 9.12 -9.26 27.89
CA GLU B 258 7.98 -9.22 26.99
C GLU B 258 8.41 -8.73 25.60
N VAL B 259 9.25 -7.71 25.55
CA VAL B 259 9.71 -7.17 24.29
C VAL B 259 10.58 -8.19 23.55
N VAL B 260 11.54 -8.78 24.25
CA VAL B 260 12.38 -9.78 23.60
C VAL B 260 11.51 -10.86 22.97
N ASN B 261 10.56 -11.38 23.74
CA ASN B 261 9.69 -12.44 23.26
C ASN B 261 8.71 -12.06 22.14
N THR B 262 8.69 -10.81 21.72
CA THR B 262 7.81 -10.46 20.61
C THR B 262 8.75 -10.32 19.41
N LEU B 263 10.04 -10.12 19.70
CA LEU B 263 11.05 -10.01 18.65
C LEU B 263 11.35 -11.41 18.14
N ARG B 264 11.32 -12.38 19.05
CA ARG B 264 11.57 -13.78 18.71
C ARG B 264 10.53 -14.68 19.37
N ASN B 265 9.82 -15.44 18.54
CA ASN B 265 8.79 -16.35 19.01
C ASN B 265 9.37 -17.75 19.15
N ALA B 266 9.83 -18.08 20.36
CA ALA B 266 10.46 -19.35 20.68
C ALA B 266 9.77 -20.61 20.14
N THR B 267 8.45 -20.66 20.23
CA THR B 267 7.72 -21.82 19.72
C THR B 267 7.57 -21.73 18.20
N GLY B 268 7.70 -20.51 17.68
CA GLY B 268 7.59 -20.30 16.25
C GLY B 268 6.15 -20.35 15.78
N ASN B 269 5.91 -19.84 14.57
CA ASN B 269 4.57 -19.84 13.97
C ASN B 269 4.22 -21.29 13.65
N SER B 270 4.12 -22.10 14.70
CA SER B 270 3.82 -23.51 14.59
C SER B 270 3.69 -24.10 15.99
N ALA C 2 -36.45 20.12 -20.91
CA ALA C 2 -36.47 20.01 -22.40
C ALA C 2 -37.90 20.01 -22.92
N SER C 3 -38.04 20.37 -24.19
CA SER C 3 -39.35 20.42 -24.84
C SER C 3 -39.80 19.01 -25.21
N ASN C 4 -41.09 18.84 -25.47
CA ASN C 4 -41.59 17.52 -25.82
C ASN C 4 -40.95 16.97 -27.09
N GLN C 5 -40.51 17.86 -27.98
CA GLN C 5 -39.87 17.44 -29.23
C GLN C 5 -38.43 16.97 -29.00
N GLU C 6 -37.72 17.62 -28.09
CA GLU C 6 -36.35 17.23 -27.78
C GLU C 6 -36.40 15.85 -27.13
N LEU C 7 -37.34 15.67 -26.22
CA LEU C 7 -37.51 14.38 -25.57
C LEU C 7 -37.76 13.35 -26.67
N VAL C 8 -38.60 13.69 -27.64
CA VAL C 8 -38.92 12.80 -28.76
C VAL C 8 -37.68 12.48 -29.61
N GLN C 9 -36.80 13.44 -29.77
CA GLN C 9 -35.60 13.20 -30.57
C GLN C 9 -34.64 12.29 -29.79
N ILE C 10 -34.57 12.49 -28.48
CA ILE C 10 -33.70 11.66 -27.64
C ILE C 10 -34.14 10.20 -27.75
N ALA C 11 -35.43 9.94 -27.53
CA ALA C 11 -35.96 8.59 -27.59
C ALA C 11 -35.77 7.98 -28.97
N THR C 12 -35.92 8.79 -30.01
CA THR C 12 -35.75 8.33 -31.39
C THR C 12 -34.33 7.83 -31.62
N ASN C 13 -33.35 8.53 -31.04
CA ASN C 13 -31.97 8.12 -31.22
C ASN C 13 -31.68 6.80 -30.52
N PHE C 14 -32.37 6.55 -29.41
CA PHE C 14 -32.17 5.29 -28.68
C PHE C 14 -32.63 4.13 -29.56
N LEU C 15 -33.83 4.26 -30.11
CA LEU C 15 -34.39 3.22 -30.96
C LEU C 15 -33.52 2.90 -32.18
N LEU C 16 -33.07 3.93 -32.89
CA LEU C 16 -32.26 3.72 -34.09
C LEU C 16 -30.93 3.00 -33.81
N ASN C 17 -30.41 3.15 -32.59
CA ASN C 17 -29.14 2.51 -32.25
C ASN C 17 -29.23 1.21 -31.47
N ALA C 18 -30.40 0.60 -31.47
CA ALA C 18 -30.56 -0.66 -30.77
C ALA C 18 -29.67 -1.67 -31.48
N PRO C 19 -28.99 -2.54 -30.72
CA PRO C 19 -28.13 -3.52 -31.39
C PRO C 19 -29.02 -4.51 -32.13
N PRO C 20 -28.42 -5.37 -32.95
CA PRO C 20 -29.21 -6.36 -33.71
C PRO C 20 -29.83 -7.41 -32.82
N CYS C 21 -31.05 -7.82 -33.16
CA CYS C 21 -31.78 -8.84 -32.43
C CYS C 21 -32.27 -8.43 -31.06
N GLU C 22 -31.98 -7.19 -30.66
CA GLU C 22 -32.39 -6.71 -29.35
C GLU C 22 -33.31 -5.50 -29.44
N PHE C 23 -33.99 -5.34 -30.57
CA PHE C 23 -34.88 -4.20 -30.78
C PHE C 23 -36.05 -4.12 -29.81
N MET C 24 -36.72 -5.24 -29.56
CA MET C 24 -37.84 -5.21 -28.63
C MET C 24 -37.40 -4.89 -27.21
N GLU C 25 -36.21 -5.36 -26.81
CA GLU C 25 -35.71 -5.06 -25.48
C GLU C 25 -35.50 -3.55 -25.35
N VAL C 26 -34.98 -2.92 -26.41
CA VAL C 26 -34.75 -1.49 -26.38
C VAL C 26 -36.07 -0.71 -26.50
N VAL C 27 -36.95 -1.17 -27.38
CA VAL C 27 -38.25 -0.51 -27.55
C VAL C 27 -38.97 -0.51 -26.21
N SER C 28 -38.87 -1.63 -25.50
CA SER C 28 -39.50 -1.76 -24.20
C SER C 28 -38.90 -0.78 -23.18
N ASP C 29 -37.58 -0.62 -23.20
CA ASP C 29 -36.94 0.29 -22.26
C ASP C 29 -37.36 1.73 -22.53
N VAL C 30 -37.28 2.16 -23.79
CA VAL C 30 -37.63 3.52 -24.15
C VAL C 30 -39.06 3.87 -23.72
N ARG C 31 -40.03 3.05 -24.12
CA ARG C 31 -41.40 3.28 -23.75
C ARG C 31 -41.58 3.47 -22.25
N ALA C 32 -40.76 2.80 -21.46
CA ALA C 32 -40.85 2.91 -20.01
C ALA C 32 -40.27 4.23 -19.51
N LEU C 33 -39.57 4.94 -20.39
CA LEU C 33 -38.97 6.19 -19.99
C LEU C 33 -39.69 7.41 -20.53
N LEU C 34 -40.65 7.19 -21.42
CA LEU C 34 -41.39 8.31 -21.98
C LEU C 34 -42.41 8.82 -20.97
N PRO C 35 -42.46 10.15 -20.74
CA PRO C 35 -43.42 10.69 -19.78
C PRO C 35 -44.85 10.43 -20.23
N SER C 36 -45.02 10.14 -21.51
CA SER C 36 -46.33 9.84 -22.07
C SER C 36 -46.21 9.10 -23.40
N GLU C 37 -47.22 8.28 -23.69
CA GLU C 37 -47.28 7.47 -24.90
C GLU C 37 -47.57 8.23 -26.20
N SER C 38 -48.06 9.45 -26.09
CA SER C 38 -48.40 10.23 -27.28
C SER C 38 -47.20 10.87 -27.97
N LEU C 39 -46.05 10.87 -27.30
CA LEU C 39 -44.83 11.47 -27.84
C LEU C 39 -44.28 10.79 -29.09
N LEU C 40 -44.44 9.48 -29.19
CA LEU C 40 -43.91 8.80 -30.36
C LEU C 40 -44.94 8.40 -31.42
N ASN C 41 -46.12 9.02 -31.40
CA ASN C 41 -47.13 8.65 -32.40
C ASN C 41 -46.82 9.12 -33.82
N ALA C 42 -46.38 10.37 -33.97
CA ALA C 42 -46.09 10.89 -35.30
C ALA C 42 -44.85 10.29 -35.98
N SER C 43 -43.87 9.85 -35.19
CA SER C 43 -42.62 9.34 -35.73
C SER C 43 -42.30 7.85 -35.64
N ALA C 44 -43.09 7.09 -34.90
CA ALA C 44 -42.83 5.66 -34.76
C ALA C 44 -42.67 4.94 -36.10
N GLY C 45 -43.66 5.08 -36.97
CA GLY C 45 -43.62 4.43 -38.27
C GLY C 45 -42.29 4.55 -38.98
N SER C 46 -41.82 5.77 -39.15
CA SER C 46 -40.54 6.03 -39.82
C SER C 46 -39.36 5.44 -39.07
N THR C 47 -39.35 5.61 -37.75
CA THR C 47 -38.24 5.12 -36.93
C THR C 47 -38.09 3.61 -37.06
N PHE C 48 -39.18 2.88 -36.81
CA PHE C 48 -39.14 1.42 -36.90
C PHE C 48 -38.78 0.96 -38.31
N ARG C 49 -39.35 1.62 -39.31
CA ARG C 49 -39.05 1.27 -40.70
C ARG C 49 -37.57 1.48 -40.98
N GLU C 50 -37.00 2.59 -40.49
CA GLU C 50 -35.60 2.87 -40.72
C GLU C 50 -34.71 1.75 -40.17
N TYR C 51 -35.02 1.31 -38.96
CA TYR C 51 -34.28 0.24 -38.30
C TYR C 51 -34.37 -1.11 -39.06
N ASN C 52 -35.59 -1.57 -39.28
CA ASN C 52 -35.82 -2.84 -39.98
C ASN C 52 -35.14 -2.95 -41.34
N THR C 53 -35.26 -1.91 -42.17
CA THR C 53 -34.64 -1.95 -43.50
C THR C 53 -33.12 -1.82 -43.46
N SER C 54 -32.60 -1.07 -42.49
CA SER C 54 -31.16 -0.89 -42.33
C SER C 54 -30.56 -2.22 -41.84
N GLN C 55 -31.28 -2.88 -40.96
CA GLN C 55 -30.84 -4.16 -40.40
C GLN C 55 -31.06 -5.32 -41.38
N MET C 56 -31.87 -5.06 -42.40
CA MET C 56 -32.20 -6.10 -43.38
C MET C 56 -32.73 -7.33 -42.67
N VAL C 57 -33.70 -7.09 -41.79
CA VAL C 57 -34.33 -8.15 -41.01
C VAL C 57 -34.98 -9.13 -41.97
N SER C 58 -35.07 -10.39 -41.57
CA SER C 58 -35.65 -11.43 -42.40
C SER C 58 -37.01 -11.86 -41.89
N VAL C 59 -37.87 -12.29 -42.80
CA VAL C 59 -39.21 -12.74 -42.44
C VAL C 59 -39.45 -14.13 -43.01
N GLN C 60 -40.47 -14.82 -42.49
CA GLN C 60 -40.85 -16.13 -42.98
C GLN C 60 -42.16 -15.96 -43.71
N THR C 61 -42.24 -16.48 -44.93
CA THR C 61 -43.44 -16.40 -45.75
C THR C 61 -43.88 -17.81 -46.11
N SER C 62 -45.11 -17.96 -46.57
CA SER C 62 -45.63 -19.26 -46.94
C SER C 62 -44.72 -19.90 -47.97
N LYS C 63 -44.00 -19.08 -48.71
CA LYS C 63 -43.11 -19.61 -49.72
C LYS C 63 -41.65 -19.71 -49.29
N GLY C 64 -41.32 -19.16 -48.13
CA GLY C 64 -39.95 -19.22 -47.65
C GLY C 64 -39.49 -17.92 -47.00
N SER C 65 -38.22 -17.84 -46.65
CA SER C 65 -37.69 -16.65 -46.01
C SER C 65 -37.41 -15.57 -47.04
N ALA C 66 -37.48 -14.32 -46.60
CA ALA C 66 -37.24 -13.16 -47.46
C ALA C 66 -36.66 -12.02 -46.63
N LEU C 67 -36.21 -10.96 -47.29
CA LEU C 67 -35.64 -9.84 -46.56
C LEU C 67 -36.42 -8.56 -46.73
N ILE C 68 -36.41 -7.74 -45.68
CA ILE C 68 -37.05 -6.43 -45.69
C ILE C 68 -35.89 -5.45 -45.85
N THR C 69 -35.69 -4.96 -47.06
CA THR C 69 -34.59 -4.05 -47.31
C THR C 69 -35.10 -2.77 -47.98
N LYS C 70 -34.20 -1.81 -48.15
CA LYS C 70 -34.56 -0.56 -48.79
C LYS C 70 -34.61 -0.77 -50.29
N GLU C 71 -33.78 -1.69 -50.78
CA GLU C 71 -33.76 -1.97 -52.21
C GLU C 71 -35.02 -2.68 -52.69
N GLY C 72 -35.65 -3.45 -51.81
CA GLY C 72 -36.86 -4.16 -52.20
C GLY C 72 -38.13 -3.45 -51.81
N GLU C 73 -38.00 -2.19 -51.41
CA GLU C 73 -39.16 -1.40 -50.98
C GLU C 73 -39.98 -0.85 -52.14
N ILE C 74 -41.17 -1.41 -52.31
CA ILE C 74 -42.11 -0.99 -53.35
C ILE C 74 -42.77 0.28 -52.82
N SER C 75 -43.15 0.21 -51.55
CA SER C 75 -43.78 1.33 -50.88
C SER C 75 -43.40 1.24 -49.41
N ASN C 76 -43.89 2.18 -48.62
CA ASN C 76 -43.60 2.24 -47.20
C ASN C 76 -43.82 0.94 -46.41
N ASN C 77 -44.74 0.09 -46.87
CA ASN C 77 -45.02 -1.17 -46.19
C ASN C 77 -44.97 -2.40 -47.09
N GLU C 78 -44.56 -2.22 -48.35
CA GLU C 78 -44.50 -3.34 -49.27
C GLU C 78 -43.09 -3.67 -49.72
N TYR C 79 -42.74 -4.96 -49.68
CA TYR C 79 -41.42 -5.39 -50.09
C TYR C 79 -41.46 -6.51 -51.12
N LEU C 80 -40.66 -6.34 -52.16
CA LEU C 80 -40.58 -7.28 -53.27
C LEU C 80 -39.67 -8.47 -52.95
N ASP C 81 -40.16 -9.66 -53.26
CA ASP C 81 -39.45 -10.92 -53.07
C ASP C 81 -39.38 -11.53 -54.47
N PRO C 82 -38.39 -11.11 -55.28
CA PRO C 82 -38.21 -11.58 -56.64
C PRO C 82 -38.12 -13.09 -56.82
N LYS C 83 -37.40 -13.76 -55.91
CA LYS C 83 -37.21 -15.21 -55.99
C LYS C 83 -38.53 -15.95 -56.05
N ASN C 84 -39.48 -15.54 -55.20
CA ASN C 84 -40.78 -16.18 -55.14
C ASN C 84 -41.86 -15.40 -55.88
N LYS C 85 -41.43 -14.50 -56.76
CA LYS C 85 -42.36 -13.71 -57.55
C LYS C 85 -43.55 -13.19 -56.75
N GLN C 86 -43.30 -12.67 -55.56
CA GLN C 86 -44.38 -12.15 -54.74
C GLN C 86 -44.06 -10.81 -54.07
N VAL C 87 -45.09 -10.19 -53.51
CA VAL C 87 -44.97 -8.91 -52.81
C VAL C 87 -45.46 -9.13 -51.39
N ILE C 88 -44.63 -8.72 -50.43
CA ILE C 88 -44.94 -8.91 -49.03
C ILE C 88 -45.29 -7.61 -48.31
N THR C 89 -46.40 -7.64 -47.58
CA THR C 89 -46.82 -6.46 -46.84
C THR C 89 -46.32 -6.72 -45.43
N TYR C 90 -45.62 -5.74 -44.88
CA TYR C 90 -45.02 -5.88 -43.56
C TYR C 90 -45.39 -4.76 -42.61
N ASP C 91 -45.61 -5.10 -41.35
CA ASP C 91 -45.93 -4.11 -40.34
C ASP C 91 -44.64 -3.82 -39.57
N HIS C 92 -44.03 -2.67 -39.83
CA HIS C 92 -42.78 -2.30 -39.18
C HIS C 92 -42.85 -2.21 -37.65
N ILE C 93 -43.93 -1.64 -37.10
CA ILE C 93 -44.07 -1.51 -35.66
C ILE C 93 -44.17 -2.85 -34.94
N LYS C 94 -45.02 -3.73 -35.46
CA LYS C 94 -45.20 -5.04 -34.86
C LYS C 94 -44.16 -6.01 -35.39
N GLN C 95 -43.44 -5.60 -36.42
CA GLN C 95 -42.42 -6.46 -37.02
C GLN C 95 -42.99 -7.81 -37.46
N GLU C 96 -43.87 -7.77 -38.45
CA GLU C 96 -44.49 -8.99 -38.96
C GLU C 96 -45.11 -8.83 -40.33
N VAL C 97 -45.26 -9.96 -41.01
CA VAL C 97 -45.87 -9.99 -42.33
C VAL C 97 -47.37 -9.97 -42.12
N THR C 98 -48.06 -9.04 -42.80
CA THR C 98 -49.50 -8.90 -42.69
C THR C 98 -50.19 -9.35 -43.98
N GLY C 99 -49.39 -9.83 -44.93
CA GLY C 99 -49.97 -10.26 -46.18
C GLY C 99 -48.93 -10.48 -47.26
N GLU C 100 -49.35 -11.19 -48.31
CA GLU C 100 -48.48 -11.48 -49.44
C GLU C 100 -49.30 -11.85 -50.65
N ARG C 101 -49.02 -11.16 -51.76
CA ARG C 101 -49.70 -11.41 -53.03
C ARG C 101 -48.62 -11.63 -54.10
N SER C 102 -49.03 -12.10 -55.27
CA SER C 102 -48.08 -12.36 -56.34
C SER C 102 -47.66 -11.07 -56.99
N ALA C 103 -46.44 -11.06 -57.53
CA ALA C 103 -45.94 -9.88 -58.21
C ALA C 103 -46.80 -9.74 -59.46
N SER C 104 -46.93 -8.52 -59.97
CA SER C 104 -47.73 -8.30 -61.16
C SER C 104 -47.20 -7.12 -61.95
N GLY C 105 -45.88 -7.11 -62.16
CA GLY C 105 -45.29 -6.03 -62.92
C GLY C 105 -44.10 -5.37 -62.27
N GLU C 106 -43.92 -5.61 -60.97
CA GLU C 106 -42.80 -5.01 -60.24
C GLU C 106 -41.43 -5.54 -60.70
N ILE C 107 -41.43 -6.73 -61.29
CA ILE C 107 -40.20 -7.36 -61.75
C ILE C 107 -39.93 -7.08 -63.23
N GLU C 108 -38.78 -6.50 -63.51
CA GLU C 108 -38.41 -6.19 -64.88
C GLU C 108 -38.05 -7.44 -65.67
N GLN C 109 -39.07 -8.15 -66.19
CA GLN C 109 -38.87 -9.37 -66.96
C GLN C 109 -37.79 -9.11 -67.99
N ASP C 110 -37.76 -7.88 -68.44
CA ASP C 110 -36.81 -7.36 -69.41
C ASP C 110 -35.37 -7.84 -69.18
N ILE C 111 -35.02 -8.07 -67.91
CA ILE C 111 -33.66 -8.48 -67.55
C ILE C 111 -33.66 -9.60 -66.51
N GLU C 112 -34.81 -10.23 -66.33
CA GLU C 112 -34.95 -11.29 -65.35
C GLU C 112 -34.02 -12.50 -65.50
N GLN C 113 -33.52 -12.77 -66.71
CA GLN C 113 -32.61 -13.92 -66.89
C GLN C 113 -31.29 -13.63 -66.19
N TYR C 114 -30.87 -12.37 -66.17
CA TYR C 114 -29.65 -12.01 -65.48
C TYR C 114 -29.89 -12.09 -63.98
N ARG C 115 -31.01 -11.50 -63.53
CA ARG C 115 -31.33 -11.53 -62.11
C ARG C 115 -31.44 -12.96 -61.62
N ALA C 116 -32.18 -13.79 -62.35
CA ALA C 116 -32.37 -15.19 -62.00
C ALA C 116 -31.03 -15.94 -61.97
N ALA C 117 -30.16 -15.64 -62.92
CA ALA C 117 -28.85 -16.30 -62.97
C ALA C 117 -28.06 -15.93 -61.72
N PHE C 118 -28.17 -14.68 -61.28
CA PHE C 118 -27.47 -14.21 -60.08
C PHE C 118 -28.07 -14.82 -58.81
N ASP C 119 -29.39 -14.92 -58.77
CA ASP C 119 -30.08 -15.50 -57.60
C ASP C 119 -29.61 -16.92 -57.34
N GLU C 120 -29.45 -17.73 -58.38
CA GLU C 120 -28.99 -19.10 -58.18
C GLU C 120 -27.67 -19.08 -57.41
N GLU C 121 -26.73 -18.25 -57.85
CA GLU C 121 -25.42 -18.14 -57.24
C GLU C 121 -25.44 -17.55 -55.82
N ALA C 122 -26.29 -16.55 -55.60
CA ALA C 122 -26.44 -15.93 -54.29
C ALA C 122 -26.99 -16.92 -53.27
N THR C 123 -27.86 -17.82 -53.71
CA THR C 123 -28.46 -18.80 -52.82
C THR C 123 -27.45 -19.88 -52.41
N LYS C 124 -26.72 -20.42 -53.39
CA LYS C 124 -25.73 -21.43 -53.09
C LYS C 124 -24.62 -20.79 -52.21
N TYR C 125 -24.22 -19.58 -52.56
CA TYR C 125 -23.19 -18.87 -51.81
C TYR C 125 -23.63 -18.67 -50.36
N CYS C 126 -24.84 -18.17 -50.19
CA CYS C 126 -25.41 -17.94 -48.87
C CYS C 126 -25.54 -19.22 -48.04
N ASN C 127 -26.08 -20.30 -48.62
CA ASN C 127 -26.23 -21.53 -47.85
C ASN C 127 -24.87 -22.07 -47.41
N GLU C 128 -23.85 -21.80 -48.22
CA GLU C 128 -22.52 -22.28 -47.97
C GLU C 128 -21.69 -21.55 -46.92
N TYR C 129 -21.75 -20.22 -46.89
CA TYR C 129 -20.95 -19.49 -45.91
C TYR C 129 -21.69 -18.81 -44.77
N TYR C 130 -23.01 -18.70 -44.89
CA TYR C 130 -23.82 -18.09 -43.84
C TYR C 130 -24.92 -19.07 -43.46
N PRO C 131 -24.60 -20.01 -42.56
CA PRO C 131 -25.55 -21.02 -42.10
C PRO C 131 -26.99 -20.59 -41.84
N ASN C 132 -27.19 -19.46 -41.16
CA ASN C 132 -28.56 -19.01 -40.89
C ASN C 132 -28.93 -17.77 -41.69
N GLY C 133 -28.16 -17.49 -42.73
CA GLY C 133 -28.41 -16.31 -43.53
C GLY C 133 -29.56 -16.40 -44.51
N VAL C 134 -30.07 -15.23 -44.89
CA VAL C 134 -31.16 -15.12 -45.85
C VAL C 134 -30.67 -14.12 -46.88
N SER C 135 -30.87 -14.43 -48.16
CA SER C 135 -30.44 -13.53 -49.24
C SER C 135 -31.60 -13.03 -50.08
N ALA C 136 -31.35 -11.97 -50.83
CA ALA C 136 -32.34 -11.39 -51.73
C ALA C 136 -31.61 -10.76 -52.91
N VAL C 137 -32.06 -11.07 -54.12
CA VAL C 137 -31.43 -10.54 -55.34
C VAL C 137 -32.45 -9.74 -56.15
N TYR C 138 -32.15 -8.45 -56.36
CA TYR C 138 -33.02 -7.55 -57.11
C TYR C 138 -32.36 -7.13 -58.41
N GLY C 139 -33.16 -6.62 -59.34
CA GLY C 139 -32.64 -6.17 -60.63
C GLY C 139 -33.36 -4.97 -61.20
N THR C 140 -32.63 -4.12 -61.92
CA THR C 140 -33.20 -2.94 -62.57
C THR C 140 -32.27 -2.47 -63.68
N LYS C 141 -32.85 -1.85 -64.70
CA LYS C 141 -32.06 -1.30 -65.80
C LYS C 141 -31.55 0.07 -65.37
N VAL C 142 -30.32 0.38 -65.75
CA VAL C 142 -29.72 1.66 -65.42
C VAL C 142 -29.06 2.19 -66.70
N SER C 143 -28.60 3.43 -66.68
CA SER C 143 -27.99 3.98 -67.89
C SER C 143 -26.76 3.24 -68.38
N GLU C 144 -26.09 2.50 -67.50
CA GLU C 144 -24.90 1.77 -67.90
C GLU C 144 -25.19 0.32 -68.31
N GLY C 145 -26.43 -0.11 -68.10
CA GLY C 145 -26.79 -1.47 -68.47
C GLY C 145 -27.70 -2.13 -67.48
N ILE C 146 -27.18 -3.11 -66.74
CA ILE C 146 -27.97 -3.84 -65.75
C ILE C 146 -27.36 -3.67 -64.36
N LYS C 147 -28.22 -3.40 -63.37
CA LYS C 147 -27.74 -3.30 -62.00
C LYS C 147 -28.40 -4.38 -61.15
N ILE C 148 -27.59 -5.33 -60.69
CA ILE C 148 -28.08 -6.41 -59.86
C ILE C 148 -27.60 -6.12 -58.44
N THR C 149 -28.53 -6.11 -57.48
CA THR C 149 -28.17 -5.83 -56.09
C THR C 149 -28.35 -7.07 -55.23
N VAL C 150 -27.26 -7.57 -54.68
CA VAL C 150 -27.30 -8.76 -53.85
C VAL C 150 -27.24 -8.39 -52.37
N CYS C 151 -28.22 -8.85 -51.60
CA CYS C 151 -28.26 -8.58 -50.17
C CYS C 151 -28.19 -9.90 -49.41
N ILE C 152 -27.34 -9.93 -48.38
CA ILE C 152 -27.22 -11.11 -47.54
C ILE C 152 -27.24 -10.61 -46.12
N SER C 153 -28.09 -11.21 -45.30
CA SER C 153 -28.17 -10.78 -43.92
C SER C 153 -28.32 -11.98 -43.01
N THR C 154 -27.67 -11.91 -41.86
CA THR C 154 -27.75 -13.01 -40.92
C THR C 154 -27.42 -12.53 -39.52
N CYS C 155 -28.18 -13.01 -38.55
CA CYS C 155 -27.99 -12.59 -37.17
C CYS C 155 -28.09 -13.76 -36.22
N ILE C 156 -27.79 -13.49 -34.96
CA ILE C 156 -27.85 -14.50 -33.92
C ILE C 156 -28.10 -13.77 -32.62
N TYR C 157 -28.87 -14.41 -31.74
CA TYR C 157 -29.21 -13.82 -30.46
C TYR C 157 -29.27 -14.94 -29.44
N LYS C 158 -28.44 -14.85 -28.42
CA LYS C 158 -28.40 -15.84 -27.35
C LYS C 158 -28.32 -15.11 -26.01
N PRO C 159 -29.44 -14.53 -25.57
CA PRO C 159 -29.49 -13.80 -24.30
C PRO C 159 -28.92 -14.51 -23.08
N ASN C 160 -29.22 -15.80 -22.94
CA ASN C 160 -28.71 -16.57 -21.81
C ASN C 160 -27.19 -16.66 -21.87
N ALA C 161 -26.64 -16.41 -23.05
CA ALA C 161 -25.19 -16.44 -23.23
C ALA C 161 -24.72 -14.98 -23.35
N PHE C 162 -25.67 -14.07 -23.15
CA PHE C 162 -25.38 -12.63 -23.18
C PHE C 162 -24.71 -12.08 -24.44
N TYR C 163 -25.21 -12.44 -25.62
CA TYR C 163 -24.61 -11.92 -26.83
C TYR C 163 -25.49 -12.03 -28.06
N SER C 164 -25.21 -11.17 -29.02
CA SER C 164 -25.93 -11.14 -30.28
C SER C 164 -24.94 -10.64 -31.33
N GLY C 165 -25.36 -10.72 -32.57
CA GLY C 165 -24.51 -10.27 -33.64
C GLY C 165 -25.20 -10.39 -34.97
N ARG C 166 -24.69 -9.65 -35.95
CA ARG C 166 -25.26 -9.68 -37.28
C ARG C 166 -24.15 -9.40 -38.29
N TRP C 167 -24.28 -10.02 -39.46
CA TRP C 167 -23.36 -9.80 -40.57
C TRP C 167 -24.26 -9.38 -41.73
N ARG C 168 -23.92 -8.26 -42.35
CA ARG C 168 -24.67 -7.74 -43.49
C ARG C 168 -23.74 -7.50 -44.67
N SER C 169 -24.17 -7.97 -45.84
CA SER C 169 -23.41 -7.80 -47.08
C SER C 169 -24.33 -7.26 -48.15
N VAL C 170 -23.88 -6.21 -48.83
CA VAL C 170 -24.65 -5.67 -49.93
C VAL C 170 -23.70 -5.43 -51.09
N TRP C 171 -23.85 -6.26 -52.11
CA TRP C 171 -23.03 -6.14 -53.30
C TRP C 171 -23.92 -5.65 -54.44
N THR C 172 -23.48 -4.58 -55.10
CA THR C 172 -24.22 -4.01 -56.21
C THR C 172 -23.37 -4.26 -57.45
N CYS C 173 -23.91 -5.02 -58.39
CA CYS C 173 -23.19 -5.38 -59.61
C CYS C 173 -23.75 -4.71 -60.86
N THR C 174 -22.93 -3.90 -61.50
CA THR C 174 -23.37 -3.22 -62.72
C THR C 174 -22.53 -3.69 -63.90
N PHE C 175 -23.17 -3.81 -65.06
CA PHE C 175 -22.49 -4.27 -66.27
C PHE C 175 -23.34 -4.15 -67.53
N LYS C 176 -22.66 -4.24 -68.66
CA LYS C 176 -23.31 -4.16 -69.97
C LYS C 176 -23.51 -5.61 -70.40
N PRO C 177 -24.76 -6.01 -70.67
CA PRO C 177 -25.10 -7.37 -71.10
C PRO C 177 -24.29 -7.89 -72.28
N GLY C 178 -23.63 -9.02 -72.09
CA GLY C 178 -22.87 -9.61 -73.17
C GLY C 178 -21.38 -9.34 -73.28
N SER C 179 -20.96 -8.12 -73.00
CA SER C 179 -19.54 -7.80 -73.10
C SER C 179 -19.06 -6.86 -71.98
N GLY C 180 -17.76 -6.62 -71.95
CA GLY C 180 -17.20 -5.75 -70.94
C GLY C 180 -17.03 -6.46 -69.63
N ASN C 181 -16.96 -5.71 -68.54
CA ASN C 181 -16.79 -6.30 -67.21
C ASN C 181 -17.95 -5.98 -66.29
N VAL C 182 -18.00 -6.73 -65.20
CA VAL C 182 -19.01 -6.51 -64.19
C VAL C 182 -18.21 -5.83 -63.09
N THR C 183 -18.69 -4.68 -62.66
CA THR C 183 -18.05 -3.93 -61.59
C THR C 183 -18.96 -4.10 -60.38
N SER C 184 -18.49 -4.79 -59.36
CA SER C 184 -19.33 -4.98 -58.20
C SER C 184 -18.77 -4.29 -56.96
N ASN C 185 -19.58 -3.41 -56.38
CA ASN C 185 -19.18 -2.69 -55.18
C ASN C 185 -19.89 -3.30 -53.98
N GLY C 186 -19.10 -3.61 -52.96
CA GLY C 186 -19.66 -4.24 -51.78
C GLY C 186 -19.45 -3.50 -50.48
N LYS C 187 -20.52 -3.45 -49.69
CA LYS C 187 -20.45 -2.82 -48.39
C LYS C 187 -20.80 -3.91 -47.39
N VAL C 188 -19.87 -4.19 -46.49
CA VAL C 188 -20.06 -5.24 -45.49
C VAL C 188 -19.98 -4.61 -44.11
N GLN C 189 -20.87 -5.04 -43.23
CA GLN C 189 -20.92 -4.53 -41.86
C GLN C 189 -21.11 -5.69 -40.88
N VAL C 190 -20.27 -5.74 -39.86
CA VAL C 190 -20.36 -6.81 -38.88
C VAL C 190 -20.58 -6.20 -37.51
N ASN C 191 -21.55 -6.74 -36.79
CA ASN C 191 -21.86 -6.24 -35.47
C ASN C 191 -21.93 -7.36 -34.45
N VAL C 192 -21.31 -7.13 -33.29
CA VAL C 192 -21.31 -8.10 -32.21
C VAL C 192 -21.49 -7.39 -30.89
N HIS C 193 -22.38 -7.93 -30.07
CA HIS C 193 -22.69 -7.36 -28.76
C HIS C 193 -22.54 -8.43 -27.69
N TYR C 194 -21.75 -8.13 -26.68
CA TYR C 194 -21.53 -9.04 -25.56
C TYR C 194 -21.91 -8.25 -24.30
N PHE C 195 -22.78 -8.81 -23.47
CA PHE C 195 -23.22 -8.07 -22.30
C PHE C 195 -23.27 -8.81 -20.97
N GLU C 196 -22.24 -9.60 -20.70
CA GLU C 196 -22.13 -10.33 -19.45
C GLU C 196 -21.33 -9.43 -18.50
N ASP C 197 -21.97 -8.87 -17.48
CA ASP C 197 -21.30 -7.97 -16.54
C ASP C 197 -20.69 -6.78 -17.25
N GLY C 198 -21.36 -6.27 -18.26
CA GLY C 198 -20.86 -5.14 -19.01
C GLY C 198 -21.55 -4.99 -20.35
N ASN C 199 -20.90 -4.24 -21.24
CA ASN C 199 -21.43 -3.99 -22.58
C ASN C 199 -20.26 -3.74 -23.52
N VAL C 200 -19.96 -4.74 -24.36
CA VAL C 200 -18.86 -4.64 -25.31
C VAL C 200 -19.37 -4.82 -26.72
N GLN C 201 -18.95 -3.94 -27.62
CA GLN C 201 -19.41 -4.04 -28.98
C GLN C 201 -18.37 -3.93 -30.07
N LEU C 202 -18.55 -4.73 -31.11
CA LEU C 202 -17.68 -4.74 -32.27
C LEU C 202 -18.54 -4.19 -33.41
N ASN C 203 -18.02 -3.20 -34.13
CA ASN C 203 -18.71 -2.58 -35.24
C ASN C 203 -17.73 -2.43 -36.38
N THR C 204 -18.07 -3.01 -37.53
CA THR C 204 -17.21 -2.98 -38.70
C THR C 204 -17.92 -2.49 -39.97
N VAL C 205 -17.19 -1.75 -40.80
CA VAL C 205 -17.71 -1.22 -42.06
C VAL C 205 -16.56 -1.29 -43.05
N THR C 206 -16.73 -2.11 -44.09
CA THR C 206 -15.72 -2.30 -45.09
C THR C 206 -16.31 -2.14 -46.49
N GLN C 207 -15.63 -1.41 -47.35
CA GLN C 207 -16.11 -1.22 -48.71
C GLN C 207 -15.08 -1.75 -49.70
N LYS C 208 -15.52 -2.64 -50.59
CA LYS C 208 -14.63 -3.26 -51.57
C LYS C 208 -15.22 -3.25 -52.97
N GLN C 209 -14.37 -3.47 -53.96
CA GLN C 209 -14.82 -3.50 -55.34
C GLN C 209 -14.08 -4.58 -56.10
N THR C 210 -14.81 -5.33 -56.91
CA THR C 210 -14.20 -6.38 -57.70
C THR C 210 -14.63 -6.25 -59.15
N THR C 211 -13.91 -6.93 -60.03
CA THR C 211 -14.18 -6.92 -61.46
C THR C 211 -14.18 -8.34 -62.01
N SER C 212 -15.15 -8.62 -62.88
CA SER C 212 -15.29 -9.94 -63.47
C SER C 212 -15.91 -9.82 -64.86
N PRO C 213 -15.67 -10.82 -65.72
CA PRO C 213 -16.16 -10.88 -67.10
C PRO C 213 -17.67 -10.88 -67.29
N SER C 214 -18.15 -10.06 -68.22
CA SER C 214 -19.58 -9.98 -68.54
C SER C 214 -19.90 -10.64 -69.90
N ALA C 215 -20.54 -11.80 -69.87
CA ALA C 215 -20.89 -12.52 -71.09
C ALA C 215 -22.32 -13.05 -70.99
N ASP C 216 -22.51 -14.35 -71.18
CA ASP C 216 -23.84 -14.96 -71.08
C ASP C 216 -24.26 -14.79 -69.62
N ALA C 217 -25.56 -14.82 -69.35
CA ALA C 217 -26.06 -14.65 -67.99
C ALA C 217 -25.49 -15.63 -66.96
N GLN C 218 -25.40 -16.91 -67.34
CA GLN C 218 -24.87 -17.89 -66.40
C GLN C 218 -23.42 -17.61 -66.01
N SER C 219 -22.51 -17.54 -66.99
CA SER C 219 -21.11 -17.28 -66.70
C SER C 219 -20.95 -15.97 -65.92
N THR C 220 -21.74 -14.97 -66.29
CA THR C 220 -21.70 -13.67 -65.63
C THR C 220 -21.99 -13.74 -64.13
N ALA C 221 -22.99 -14.52 -63.74
CA ALA C 221 -23.34 -14.65 -62.33
C ALA C 221 -22.29 -15.46 -61.59
N VAL C 222 -21.80 -16.52 -62.22
CA VAL C 222 -20.79 -17.39 -61.62
C VAL C 222 -19.45 -16.70 -61.37
N ASN C 223 -18.98 -15.94 -62.36
CA ASN C 223 -17.71 -15.25 -62.22
C ASN C 223 -17.82 -14.07 -61.30
N ALA C 224 -19.01 -13.48 -61.22
CA ALA C 224 -19.22 -12.35 -60.33
C ALA C 224 -19.13 -12.84 -58.88
N PHE C 225 -19.59 -14.05 -58.60
CA PHE C 225 -19.53 -14.56 -57.24
C PHE C 225 -18.18 -15.16 -56.85
N LYS C 226 -17.39 -15.56 -57.83
CA LYS C 226 -16.06 -16.09 -57.55
C LYS C 226 -15.26 -14.88 -57.04
N ALA C 227 -15.54 -13.71 -57.61
CA ALA C 227 -14.88 -12.46 -57.24
C ALA C 227 -15.42 -11.95 -55.90
N ILE C 228 -16.74 -11.97 -55.75
CA ILE C 228 -17.35 -11.53 -54.50
C ILE C 228 -16.90 -12.45 -53.36
N GLY C 229 -16.88 -13.75 -53.64
CA GLY C 229 -16.50 -14.71 -52.62
C GLY C 229 -15.06 -14.53 -52.19
N LYS C 230 -14.18 -14.36 -53.16
CA LYS C 230 -12.76 -14.16 -52.86
C LYS C 230 -12.60 -12.94 -51.97
N ALA C 231 -13.32 -11.87 -52.29
CA ALA C 231 -13.24 -10.64 -51.53
C ALA C 231 -13.69 -10.79 -50.06
N GLU C 232 -14.81 -11.47 -49.82
CA GLU C 232 -15.28 -11.63 -48.45
C GLU C 232 -14.35 -12.58 -47.70
N LEU C 233 -13.80 -13.56 -48.41
CA LEU C 233 -12.87 -14.51 -47.78
C LEU C 233 -11.64 -13.75 -47.29
N ASN C 234 -11.15 -12.83 -48.11
CA ASN C 234 -9.97 -12.05 -47.71
C ASN C 234 -10.31 -11.12 -46.57
N LEU C 235 -11.50 -10.50 -46.63
CA LEU C 235 -11.92 -9.62 -45.56
C LEU C 235 -12.05 -10.39 -44.24
N HIS C 236 -12.66 -11.57 -44.31
CA HIS C 236 -12.86 -12.40 -43.12
C HIS C 236 -11.52 -12.79 -42.51
N THR C 237 -10.57 -13.14 -43.37
CA THR C 237 -9.24 -13.52 -42.94
C THR C 237 -8.57 -12.35 -42.22
N ALA C 238 -8.62 -11.19 -42.86
CA ALA C 238 -8.03 -9.99 -42.30
C ALA C 238 -8.66 -9.66 -40.95
N LEU C 239 -9.96 -9.91 -40.83
CA LEU C 239 -10.63 -9.64 -39.58
C LEU C 239 -10.10 -10.56 -38.47
N ASP C 240 -9.87 -11.84 -38.80
CA ASP C 240 -9.35 -12.79 -37.82
C ASP C 240 -7.94 -12.42 -37.38
N ASN C 241 -7.12 -11.98 -38.33
CA ASN C 241 -5.76 -11.59 -38.02
C ASN C 241 -5.73 -10.34 -37.17
N ASN C 242 -6.67 -9.43 -37.45
CA ASN C 242 -6.77 -8.17 -36.72
C ASN C 242 -7.05 -8.34 -35.23
N TYR C 243 -7.84 -9.35 -34.89
CA TYR C 243 -8.12 -9.58 -33.48
C TYR C 243 -6.78 -9.73 -32.78
N SER C 244 -5.91 -10.53 -33.40
CA SER C 244 -4.61 -10.80 -32.85
C SER C 244 -3.77 -9.52 -32.84
N THR C 245 -3.85 -8.74 -33.89
CA THR C 245 -3.08 -7.50 -33.99
C THR C 245 -3.39 -6.52 -32.87
N MET C 246 -4.68 -6.23 -32.67
CA MET C 246 -5.10 -5.30 -31.64
C MET C 246 -4.70 -5.80 -30.27
N GLY C 247 -4.75 -7.11 -30.10
CA GLY C 247 -4.39 -7.70 -28.83
C GLY C 247 -2.90 -7.56 -28.51
N ASP C 248 -2.05 -7.86 -29.48
CA ASP C 248 -0.61 -7.79 -29.27
C ASP C 248 0.01 -6.42 -29.52
N THR C 249 -0.80 -5.47 -29.97
CA THR C 249 -0.31 -4.13 -30.27
C THR C 249 -0.85 -3.03 -29.33
N THR C 250 -2.05 -2.54 -29.62
CA THR C 250 -2.66 -1.51 -28.80
C THR C 250 -2.91 -2.00 -27.36
N PHE C 251 -3.53 -3.17 -27.22
CA PHE C 251 -3.83 -3.70 -25.89
C PHE C 251 -2.61 -3.81 -24.95
N LYS C 252 -1.47 -4.25 -25.46
CA LYS C 252 -0.28 -4.36 -24.64
C LYS C 252 0.27 -2.97 -24.32
N ALA C 253 0.01 -2.04 -25.23
CA ALA C 253 0.48 -0.67 -25.08
C ALA C 253 -0.39 0.18 -24.14
N LEU C 254 -1.41 -0.43 -23.53
CA LEU C 254 -2.27 0.30 -22.61
C LEU C 254 -1.88 -0.03 -21.18
N ARG C 255 -2.39 -1.13 -20.66
CA ARG C 255 -2.07 -1.55 -19.30
C ARG C 255 -1.24 -2.82 -19.40
N ARG C 256 -0.09 -2.85 -18.74
CA ARG C 256 0.76 -4.03 -18.76
C ARG C 256 0.11 -5.05 -17.85
N ALA C 257 0.45 -6.32 -18.06
CA ALA C 257 -0.07 -7.37 -17.21
C ALA C 257 0.72 -7.27 -15.91
N LEU C 258 1.98 -6.84 -16.03
CA LEU C 258 2.88 -6.71 -14.90
C LEU C 258 3.93 -5.62 -15.14
N PRO C 259 4.43 -5.01 -14.06
CA PRO C 259 5.44 -3.97 -14.26
C PRO C 259 6.68 -4.58 -14.90
N ILE C 260 7.48 -3.77 -15.58
CA ILE C 260 8.66 -4.27 -16.26
C ILE C 260 9.50 -5.30 -15.49
N ASN C 261 9.69 -5.10 -14.19
CA ASN C 261 10.49 -6.02 -13.38
C ASN C 261 9.78 -7.36 -13.20
N ARG C 262 8.67 -7.53 -13.90
CA ARG C 262 7.88 -8.75 -13.88
C ARG C 262 7.47 -9.25 -12.51
N THR C 263 7.26 -8.35 -11.57
CA THR C 263 6.85 -8.72 -10.22
C THR C 263 5.73 -7.82 -9.72
N LYS C 264 4.84 -8.38 -8.89
CA LYS C 264 3.77 -7.58 -8.32
C LYS C 264 4.40 -6.45 -7.49
N ILE C 265 3.63 -5.42 -7.22
CA ILE C 265 4.13 -4.29 -6.47
C ILE C 265 4.45 -4.58 -5.01
N ASN C 266 5.58 -4.06 -4.56
CA ASN C 266 5.98 -4.19 -3.16
C ASN C 266 5.37 -2.92 -2.56
N TRP C 267 4.17 -3.04 -2.01
CA TRP C 267 3.48 -1.88 -1.45
C TRP C 267 4.16 -1.27 -0.25
N GLN C 268 5.08 -1.99 0.37
CA GLN C 268 5.81 -1.43 1.52
C GLN C 268 6.86 -0.45 1.04
N LYS C 269 7.27 -0.59 -0.22
CA LYS C 269 8.26 0.33 -0.80
C LYS C 269 7.56 1.56 -1.36
N VAL C 270 6.47 1.32 -2.08
CA VAL C 270 5.67 2.37 -2.70
C VAL C 270 5.04 3.27 -1.63
N LYS C 271 4.60 2.65 -0.55
CA LYS C 271 4.02 3.37 0.56
C LYS C 271 4.92 4.56 0.96
N ASN C 272 6.22 4.43 0.71
CA ASN C 272 7.18 5.50 1.04
C ASN C 272 7.62 6.23 -0.23
N THR D 20 -38.66 5.81 -11.44
CA THR D 20 -38.39 5.11 -10.15
C THR D 20 -37.65 3.79 -10.40
N GLU D 21 -37.73 2.90 -9.42
CA GLU D 21 -37.08 1.59 -9.49
C GLU D 21 -37.21 0.96 -10.88
N LYS D 22 -38.45 0.72 -11.30
CA LYS D 22 -38.70 0.13 -12.61
C LYS D 22 -37.97 0.93 -13.67
N GLN D 23 -38.10 2.25 -13.60
CA GLN D 23 -37.45 3.12 -14.57
C GLN D 23 -35.94 3.03 -14.54
N LEU D 24 -35.35 3.24 -13.36
CA LEU D 24 -33.89 3.15 -13.24
C LEU D 24 -33.43 1.84 -13.86
N SER D 25 -34.19 0.78 -13.57
CA SER D 25 -33.90 -0.56 -14.06
C SER D 25 -33.83 -0.56 -15.59
N CYS D 26 -34.78 0.14 -16.22
CA CYS D 26 -34.81 0.21 -17.67
C CYS D 26 -33.63 1.04 -18.16
N CYS D 27 -33.24 2.04 -17.37
CA CYS D 27 -32.12 2.89 -17.73
C CYS D 27 -30.83 2.09 -17.83
N LEU D 28 -30.55 1.32 -16.79
CA LEU D 28 -29.35 0.49 -16.72
C LEU D 28 -29.34 -0.58 -17.81
N ASP D 29 -30.50 -1.13 -18.12
CA ASP D 29 -30.59 -2.13 -19.16
C ASP D 29 -30.34 -1.47 -20.51
N LEU D 30 -31.04 -0.38 -20.77
CA LEU D 30 -30.86 0.33 -22.03
C LEU D 30 -29.41 0.72 -22.24
N MET D 31 -28.76 1.23 -21.20
CA MET D 31 -27.36 1.64 -21.31
C MET D 31 -26.41 0.45 -21.49
N ARG D 32 -26.92 -0.74 -21.20
CA ARG D 32 -26.18 -1.97 -21.37
C ARG D 32 -26.35 -2.48 -22.81
N ARG D 33 -27.27 -1.89 -23.56
CA ARG D 33 -27.50 -2.30 -24.94
C ARG D 33 -27.04 -1.27 -25.99
N LEU D 34 -27.14 0.01 -25.66
CA LEU D 34 -26.74 1.05 -26.61
C LEU D 34 -25.22 1.15 -26.89
N PRO D 35 -24.85 1.63 -28.09
CA PRO D 35 -23.44 1.76 -28.47
C PRO D 35 -22.60 2.52 -27.42
N PRO D 36 -21.52 1.90 -26.92
CA PRO D 36 -20.65 2.52 -25.91
C PRO D 36 -20.07 3.87 -26.34
N SER D 37 -19.78 4.02 -27.62
CA SER D 37 -19.22 5.27 -28.14
C SER D 37 -20.20 6.46 -28.05
N GLN D 38 -21.48 6.18 -27.85
CA GLN D 38 -22.46 7.26 -27.75
C GLN D 38 -22.87 7.52 -26.31
N ILE D 39 -22.11 6.99 -25.35
CA ILE D 39 -22.45 7.18 -23.93
C ILE D 39 -22.64 8.61 -23.45
N GLU D 40 -21.79 9.54 -23.87
CA GLU D 40 -21.93 10.91 -23.39
C GLU D 40 -23.29 11.48 -23.76
N ASP D 41 -23.62 11.39 -25.03
CA ASP D 41 -24.89 11.90 -25.53
C ASP D 41 -26.08 11.15 -24.95
N ASN D 42 -25.99 9.83 -24.92
CA ASN D 42 -27.10 9.03 -24.40
C ASN D 42 -27.38 9.26 -22.92
N LEU D 43 -26.35 9.29 -22.08
CA LEU D 43 -26.53 9.51 -20.66
C LEU D 43 -27.19 10.88 -20.44
N ALA D 44 -26.76 11.87 -21.21
CA ALA D 44 -27.34 13.21 -21.11
C ALA D 44 -28.80 13.10 -21.54
N GLY D 45 -29.05 12.29 -22.57
CA GLY D 45 -30.41 12.11 -23.04
C GLY D 45 -31.29 11.58 -21.91
N LEU D 46 -30.77 10.61 -21.16
CA LEU D 46 -31.50 10.05 -20.04
C LEU D 46 -31.81 11.09 -18.98
N LEU D 47 -30.81 11.92 -18.66
CA LEU D 47 -30.99 12.96 -17.65
C LEU D 47 -32.18 13.85 -17.99
N ASP D 48 -32.42 14.05 -19.28
CA ASP D 48 -33.55 14.87 -19.74
C ASP D 48 -34.88 14.17 -19.54
N LEU D 49 -34.92 12.87 -19.85
CA LEU D 49 -36.14 12.08 -19.71
C LEU D 49 -36.52 11.78 -18.27
N VAL D 50 -35.54 11.41 -17.45
CA VAL D 50 -35.82 11.09 -16.06
C VAL D 50 -34.94 11.82 -15.06
N PRO D 51 -35.10 13.14 -14.95
CA PRO D 51 -34.32 13.95 -14.02
C PRO D 51 -34.39 13.48 -12.56
N ASP D 52 -35.53 12.98 -12.15
CA ASP D 52 -35.66 12.50 -10.77
C ASP D 52 -34.57 11.48 -10.46
N LEU D 53 -34.06 10.83 -11.51
CA LEU D 53 -33.02 9.81 -11.34
C LEU D 53 -31.62 10.32 -11.66
N THR D 54 -31.46 11.64 -11.74
CA THR D 54 -30.18 12.26 -12.07
C THR D 54 -28.98 11.90 -11.19
N GLU D 55 -29.24 11.54 -9.93
CA GLU D 55 -28.14 11.18 -9.04
C GLU D 55 -27.84 9.70 -9.13
N ASP D 56 -28.90 8.92 -9.32
CA ASP D 56 -28.79 7.47 -9.41
C ASP D 56 -28.10 7.05 -10.70
N LEU D 57 -28.35 7.81 -11.76
CA LEU D 57 -27.75 7.54 -13.07
C LEU D 57 -26.27 7.93 -13.07
N LEU D 58 -25.96 9.11 -12.53
CA LEU D 58 -24.58 9.56 -12.49
C LEU D 58 -23.80 8.76 -11.47
N SER D 59 -24.42 7.72 -10.92
CA SER D 59 -23.80 6.86 -9.91
C SER D 59 -23.60 5.42 -10.34
N SER D 60 -24.42 4.97 -11.28
CA SER D 60 -24.28 3.60 -11.74
C SER D 60 -23.77 3.52 -13.18
N ILE D 61 -23.78 4.64 -13.88
CA ILE D 61 -23.32 4.64 -15.26
C ILE D 61 -22.03 5.45 -15.44
N ASP D 62 -20.93 4.75 -15.71
CA ASP D 62 -19.63 5.39 -15.90
C ASP D 62 -19.30 5.55 -17.37
N GLN D 63 -18.50 6.55 -17.67
CA GLN D 63 -18.08 6.80 -19.05
C GLN D 63 -16.64 7.29 -19.03
N PRO D 64 -15.94 7.21 -20.18
CA PRO D 64 -14.56 7.68 -20.24
C PRO D 64 -14.45 9.10 -19.70
N LEU D 65 -13.37 9.34 -18.94
CA LEU D 65 -13.19 10.65 -18.34
C LEU D 65 -12.33 11.64 -19.13
N LYS D 66 -12.54 12.91 -18.81
CA LYS D 66 -11.82 14.02 -19.43
C LYS D 66 -10.66 14.49 -18.54
N VAL D 67 -9.58 14.93 -19.18
CA VAL D 67 -8.39 15.42 -18.49
C VAL D 67 -8.47 16.94 -18.31
N ALA D 68 -8.04 17.42 -17.15
CA ALA D 68 -8.03 18.86 -16.87
C ALA D 68 -6.64 19.22 -16.35
N TYR D 69 -6.31 20.51 -16.36
CA TYR D 69 -4.99 20.94 -15.93
C TYR D 69 -4.97 21.79 -14.67
N ASP D 70 -4.15 21.38 -13.70
CA ASP D 70 -4.01 22.09 -12.44
C ASP D 70 -2.79 22.99 -12.54
N ALA D 71 -3.03 24.26 -12.78
CA ALA D 71 -1.98 25.27 -12.95
C ALA D 71 -1.10 25.45 -11.72
N VAL D 72 -1.65 25.23 -10.54
CA VAL D 72 -0.87 25.40 -9.33
C VAL D 72 0.14 24.28 -9.18
N SER D 73 -0.34 23.05 -9.30
CA SER D 73 0.52 21.87 -9.15
C SER D 73 1.26 21.53 -10.44
N LYS D 74 0.78 22.08 -11.56
CA LYS D 74 1.38 21.80 -12.85
C LYS D 74 1.28 20.31 -13.19
N LYS D 75 0.11 19.74 -12.98
CA LYS D 75 -0.14 18.33 -13.26
C LYS D 75 -1.55 18.21 -13.81
N ASP D 76 -1.82 17.12 -14.49
CA ASP D 76 -3.17 16.89 -15.00
C ASP D 76 -3.95 16.10 -13.96
N TYR D 77 -5.26 16.21 -13.99
CA TYR D 77 -6.11 15.44 -13.09
C TYR D 77 -7.40 15.08 -13.85
N LEU D 78 -8.10 14.04 -13.39
CA LEU D 78 -9.32 13.58 -14.05
C LEU D 78 -10.64 14.18 -13.54
N LEU D 79 -11.56 14.41 -14.48
CA LEU D 79 -12.88 14.98 -14.16
C LEU D 79 -13.94 13.89 -14.11
N CYS D 80 -14.68 13.84 -13.01
CA CYS D 80 -15.73 12.86 -12.82
C CYS D 80 -16.75 13.43 -11.83
N ASP D 81 -17.85 12.72 -11.62
CA ASP D 81 -18.89 13.17 -10.73
C ASP D 81 -18.44 13.24 -9.26
N TYR D 82 -17.45 12.43 -8.89
CA TYR D 82 -16.97 12.38 -7.52
C TYR D 82 -16.15 13.58 -7.03
N ASN D 83 -15.57 14.36 -7.94
CA ASN D 83 -14.81 15.53 -7.52
C ASN D 83 -15.47 16.80 -8.05
N ARG D 84 -16.76 16.71 -8.33
CA ARG D 84 -17.55 17.80 -8.89
C ARG D 84 -18.50 18.48 -7.89
N ASP D 85 -18.58 19.81 -7.97
CA ASP D 85 -19.46 20.58 -7.11
C ASP D 85 -20.02 21.65 -8.03
N ALA D 86 -21.34 21.65 -8.22
CA ALA D 86 -21.97 22.59 -9.14
C ALA D 86 -21.31 22.26 -10.48
N ASP D 87 -20.77 23.25 -11.16
CA ASP D 87 -20.10 23.00 -12.44
C ASP D 87 -18.59 23.13 -12.30
N SER D 88 -18.08 22.91 -11.08
CA SER D 88 -16.65 23.00 -10.86
C SER D 88 -16.07 21.67 -10.41
N TYR D 89 -14.77 21.49 -10.64
CA TYR D 89 -14.08 20.27 -10.25
C TYR D 89 -12.91 20.55 -9.32
N ARG D 90 -12.73 19.65 -8.34
CA ARG D 90 -11.66 19.78 -7.35
C ARG D 90 -10.42 18.98 -7.76
N SER D 91 -9.27 19.61 -7.75
CA SER D 91 -8.03 18.93 -8.08
C SER D 91 -7.50 18.15 -6.88
N PRO D 92 -7.15 16.87 -7.10
CA PRO D 92 -6.62 16.01 -6.04
C PRO D 92 -5.26 16.49 -5.54
N TRP D 93 -4.59 17.30 -6.36
CA TRP D 93 -3.27 17.82 -6.01
C TRP D 93 -3.32 19.11 -5.21
N SER D 94 -4.06 20.10 -5.71
CA SER D 94 -4.16 21.40 -5.04
C SER D 94 -5.32 21.46 -4.05
N ASN D 95 -6.31 20.61 -4.26
CA ASN D 95 -7.49 20.58 -3.41
C ASN D 95 -8.31 21.86 -3.64
N LYS D 96 -8.11 22.48 -4.80
CA LYS D 96 -8.80 23.70 -5.19
C LYS D 96 -9.78 23.43 -6.33
N TYR D 97 -10.82 24.25 -6.42
CA TYR D 97 -11.81 24.08 -7.48
C TYR D 97 -11.58 24.97 -8.71
N ASP D 98 -11.98 24.47 -9.88
CA ASP D 98 -11.87 25.21 -11.13
C ASP D 98 -13.14 24.98 -11.96
N PRO D 99 -13.92 26.04 -12.19
CA PRO D 99 -13.72 27.41 -11.73
C PRO D 99 -13.88 27.52 -10.21
N PRO D 100 -13.25 28.53 -9.59
CA PRO D 100 -13.36 28.72 -8.15
C PRO D 100 -14.83 28.98 -7.83
N LEU D 101 -15.29 28.58 -6.64
CA LEU D 101 -16.66 28.85 -6.25
C LEU D 101 -16.75 28.70 -4.74
N SER D 102 -17.74 29.34 -4.14
CA SER D 102 -17.90 29.29 -2.69
C SER D 102 -18.82 28.17 -2.25
N GLY D 103 -18.73 27.82 -0.97
CA GLY D 103 -19.56 26.77 -0.40
C GLY D 103 -19.34 25.36 -0.89
N ALA D 104 -18.30 25.13 -1.67
CA ALA D 104 -18.01 23.80 -2.19
C ALA D 104 -17.63 22.79 -1.12
N CYS D 105 -17.67 21.51 -1.47
CA CYS D 105 -17.36 20.42 -0.55
C CYS D 105 -15.90 19.94 -0.62
N TYR D 106 -15.30 19.76 0.56
CA TYR D 106 -13.92 19.31 0.67
C TYR D 106 -13.84 18.16 1.68
N PRO D 107 -12.85 17.28 1.50
CA PRO D 107 -12.68 16.15 2.43
C PRO D 107 -12.28 16.73 3.78
N SER D 108 -12.56 16.00 4.86
CA SER D 108 -12.19 16.47 6.19
C SER D 108 -10.66 16.54 6.23
N SER D 109 -10.12 17.24 7.21
CA SER D 109 -8.68 17.39 7.34
C SER D 109 -7.94 16.04 7.37
N LYS D 110 -8.46 15.12 8.16
CA LYS D 110 -7.85 13.79 8.29
C LYS D 110 -7.95 12.98 7.00
N LEU D 111 -9.08 13.07 6.31
CA LEU D 111 -9.25 12.31 5.09
C LEU D 111 -8.34 12.89 4.00
N ARG D 112 -8.21 14.21 3.98
CA ARG D 112 -7.36 14.88 2.99
C ARG D 112 -5.97 14.27 3.08
N ASP D 113 -5.47 14.09 4.30
CA ASP D 113 -4.15 13.49 4.49
C ASP D 113 -4.12 12.10 3.85
N ILE D 114 -5.19 11.33 4.02
CA ILE D 114 -5.24 10.01 3.41
C ILE D 114 -5.34 10.15 1.89
N GLU D 115 -6.06 11.18 1.43
CA GLU D 115 -6.21 11.41 0.00
C GLU D 115 -4.88 11.81 -0.66
N VAL D 116 -4.09 12.61 0.04
CA VAL D 116 -2.79 13.04 -0.47
C VAL D 116 -1.90 11.80 -0.63
N GLN D 117 -1.87 10.97 0.42
CA GLN D 117 -1.09 9.74 0.39
C GLN D 117 -1.55 8.90 -0.79
N ALA D 118 -2.85 8.63 -0.85
CA ALA D 118 -3.44 7.82 -1.92
C ALA D 118 -3.03 8.28 -3.32
N ASN D 119 -3.09 9.58 -3.57
CA ASN D 119 -2.72 10.11 -4.87
C ASN D 119 -1.25 9.88 -5.22
N GLU D 120 -0.38 9.93 -4.22
CA GLU D 120 1.04 9.69 -4.49
C GLU D 120 1.31 8.22 -4.76
N ILE D 121 0.69 7.32 -4.00
CA ILE D 121 0.96 5.91 -4.23
C ILE D 121 0.36 5.40 -5.55
N PHE D 122 -0.86 5.81 -5.87
CA PHE D 122 -1.47 5.36 -7.11
C PHE D 122 -0.85 6.00 -8.34
N GLU D 123 -0.11 7.09 -8.14
CA GLU D 123 0.60 7.72 -9.25
C GLU D 123 1.79 6.82 -9.60
N ILE D 124 2.38 6.20 -8.58
CA ILE D 124 3.51 5.30 -8.81
C ILE D 124 2.92 4.05 -9.42
N TYR D 125 1.70 3.74 -9.01
CA TYR D 125 0.99 2.57 -9.52
C TYR D 125 0.78 2.81 -11.01
N LEU D 126 0.37 4.02 -11.36
CA LEU D 126 0.14 4.38 -12.76
C LEU D 126 1.41 4.19 -13.60
N ASN D 127 2.54 4.63 -13.06
CA ASN D 127 3.77 4.52 -13.82
C ASN D 127 4.38 3.13 -13.96
N LEU D 128 4.06 2.24 -13.03
CA LEU D 128 4.57 0.88 -13.09
C LEU D 128 3.72 0.00 -13.99
N TYR D 129 2.40 0.23 -13.98
CA TYR D 129 1.49 -0.57 -14.79
C TYR D 129 1.07 0.05 -16.12
N PHE D 130 1.17 1.36 -16.25
CA PHE D 130 0.78 1.99 -17.51
C PHE D 130 1.92 2.69 -18.24
N GLU D 131 2.98 3.05 -17.51
CA GLU D 131 4.14 3.72 -18.10
C GLU D 131 3.76 5.03 -18.78
N GLY D 132 2.80 5.73 -18.19
CA GLY D 132 2.33 6.99 -18.74
C GLY D 132 0.87 7.17 -18.38
N GLY D 133 0.24 8.22 -18.89
CA GLY D 133 -1.17 8.43 -18.60
C GLY D 133 -1.41 9.41 -17.47
N VAL D 134 -2.62 9.39 -16.93
CA VAL D 134 -3.01 10.27 -15.84
C VAL D 134 -3.78 9.47 -14.78
N SER D 135 -3.60 9.84 -13.51
CA SER D 135 -4.27 9.17 -12.41
C SER D 135 -4.86 10.24 -11.49
N SER D 136 -5.83 9.84 -10.66
CA SER D 136 -6.49 10.75 -9.72
C SER D 136 -7.28 9.95 -8.68
N VAL D 137 -7.21 10.36 -7.43
CA VAL D 137 -7.94 9.68 -6.36
C VAL D 137 -8.74 10.72 -5.59
N TYR D 138 -10.04 10.49 -5.44
CA TYR D 138 -10.90 11.42 -4.72
C TYR D 138 -11.55 10.67 -3.57
N CYS D 139 -11.48 11.26 -2.37
CA CYS D 139 -12.05 10.65 -1.17
C CYS D 139 -13.13 11.54 -0.58
N TRP D 140 -14.10 10.93 0.08
CA TRP D 140 -15.18 11.70 0.70
C TRP D 140 -15.62 11.03 2.00
N ASP D 141 -15.97 11.86 2.97
CA ASP D 141 -16.38 11.41 4.28
C ASP D 141 -17.71 10.67 4.30
N LEU D 142 -17.86 9.84 5.33
CA LEU D 142 -19.06 9.04 5.57
C LEU D 142 -19.07 8.84 7.08
N ASP D 143 -19.12 9.96 7.80
CA ASP D 143 -19.10 9.96 9.25
C ASP D 143 -17.72 9.48 9.69
N ASP D 144 -17.67 8.38 10.43
CA ASP D 144 -16.39 7.86 10.89
C ASP D 144 -15.69 7.05 9.81
N ASN D 145 -16.43 6.70 8.76
CA ASN D 145 -15.86 5.93 7.65
C ASN D 145 -15.60 6.83 6.44
N PHE D 146 -15.16 6.23 5.35
CA PHE D 146 -14.91 7.01 4.15
C PHE D 146 -14.96 6.13 2.91
N ALA D 147 -14.95 6.78 1.76
CA ALA D 147 -15.00 6.11 0.47
C ALA D 147 -14.12 6.88 -0.49
N ALA D 148 -13.85 6.29 -1.64
CA ALA D 148 -13.00 6.96 -2.60
C ALA D 148 -13.08 6.31 -3.97
N VAL D 149 -12.58 7.04 -4.97
CA VAL D 149 -12.54 6.53 -6.32
C VAL D 149 -11.08 6.59 -6.78
N VAL D 150 -10.60 5.50 -7.36
CA VAL D 150 -9.23 5.46 -7.88
C VAL D 150 -9.38 5.45 -9.40
N LEU D 151 -8.85 6.48 -10.04
CA LEU D 151 -8.95 6.65 -11.47
C LEU D 151 -7.65 6.56 -12.26
N MET D 152 -7.72 5.86 -13.39
CA MET D 152 -6.58 5.72 -14.29
C MET D 152 -7.09 6.00 -15.70
N LYS D 153 -6.22 6.56 -16.54
CA LYS D 153 -6.55 6.83 -17.93
C LYS D 153 -5.26 6.79 -18.73
N LYS D 154 -5.31 6.10 -19.87
CA LYS D 154 -4.16 5.97 -20.76
C LYS D 154 -4.62 5.87 -22.21
N THR D 155 -4.06 6.74 -23.05
CA THR D 155 -4.35 6.77 -24.48
C THR D 155 -3.11 6.21 -25.17
N GLN D 156 -3.28 5.58 -26.33
CA GLN D 156 -2.14 5.01 -27.01
C GLN D 156 -2.33 4.82 -28.52
N ASP D 157 -1.55 5.56 -29.31
CA ASP D 157 -1.62 5.47 -30.76
C ASP D 157 -0.77 4.29 -31.25
N PRO D 164 -1.71 2.00 -38.19
CA PRO D 164 -2.86 2.89 -38.05
C PRO D 164 -3.87 2.38 -37.04
N MET D 165 -3.44 2.28 -35.78
CA MET D 165 -4.28 1.77 -34.71
C MET D 165 -4.15 2.63 -33.45
N ARG D 166 -5.25 2.77 -32.72
CA ARG D 166 -5.25 3.57 -31.49
C ARG D 166 -6.27 3.02 -30.48
N GLY D 167 -6.02 3.30 -29.20
CA GLY D 167 -6.90 2.83 -28.15
C GLY D 167 -6.90 3.66 -26.89
N THR D 168 -7.89 3.44 -26.03
CA THR D 168 -8.00 4.19 -24.80
C THR D 168 -8.53 3.37 -23.63
N TRP D 169 -7.83 3.47 -22.52
CA TRP D 169 -8.19 2.77 -21.30
C TRP D 169 -8.60 3.76 -20.21
N ASP D 170 -9.74 3.49 -19.59
CA ASP D 170 -10.27 4.29 -18.50
C ASP D 170 -10.71 3.25 -17.46
N SER D 171 -10.32 3.43 -16.22
CA SER D 171 -10.74 2.52 -15.18
C SER D 171 -11.13 3.33 -13.97
N ILE D 172 -12.13 2.84 -13.27
CA ILE D 172 -12.62 3.51 -12.10
C ILE D 172 -12.90 2.46 -11.03
N HIS D 173 -12.39 2.70 -9.82
CA HIS D 173 -12.56 1.78 -8.70
C HIS D 173 -13.24 2.51 -7.54
N VAL D 174 -14.52 2.21 -7.30
CA VAL D 174 -15.22 2.85 -6.19
C VAL D 174 -14.96 1.98 -4.97
N VAL D 175 -14.38 2.56 -3.93
CA VAL D 175 -14.07 1.80 -2.73
C VAL D 175 -14.75 2.32 -1.50
N GLU D 176 -15.37 1.42 -0.75
CA GLU D 176 -16.04 1.80 0.49
C GLU D 176 -15.26 1.11 1.61
N VAL D 177 -14.80 1.90 2.57
CA VAL D 177 -14.04 1.37 3.68
C VAL D 177 -14.84 1.42 4.99
N LYS D 178 -15.09 0.26 5.56
CA LYS D 178 -15.84 0.17 6.82
C LYS D 178 -14.92 -0.33 7.92
N LEU D 179 -14.68 0.53 8.90
CA LEU D 179 -13.81 0.20 10.01
C LEU D 179 -14.48 -0.74 10.99
N GLY D 180 -13.83 -1.87 11.26
CA GLY D 180 -14.38 -2.83 12.20
C GLY D 180 -14.36 -2.31 13.64
N LYS D 181 -14.27 -3.24 14.59
CA LYS D 181 -14.25 -2.87 16.01
C LYS D 181 -12.84 -2.68 16.53
N LYS D 182 -11.90 -3.48 16.01
CA LYS D 182 -10.52 -3.38 16.47
C LYS D 182 -9.59 -2.73 15.45
N ASP D 183 -8.76 -3.55 14.82
CA ASP D 183 -7.81 -3.08 13.83
C ASP D 183 -8.10 -3.81 12.51
N LYS D 184 -9.39 -4.04 12.26
CA LYS D 184 -9.83 -4.73 11.06
C LYS D 184 -10.82 -3.86 10.32
N ALA D 185 -10.67 -3.80 9.00
CA ALA D 185 -11.58 -3.02 8.18
C ALA D 185 -11.98 -3.83 6.96
N VAL D 186 -13.18 -3.61 6.45
CA VAL D 186 -13.63 -4.32 5.27
C VAL D 186 -13.61 -3.36 4.09
N TYR D 187 -12.99 -3.80 3.01
CA TYR D 187 -12.88 -2.98 1.82
C TYR D 187 -13.81 -3.49 0.71
N LYS D 188 -14.78 -2.66 0.35
CA LYS D 188 -15.76 -2.98 -0.68
C LYS D 188 -15.34 -2.29 -1.98
N LEU D 189 -15.08 -3.10 -3.00
CA LEU D 189 -14.65 -2.57 -4.28
C LEU D 189 -15.54 -2.91 -5.48
N THR D 190 -15.95 -1.87 -6.20
CA THR D 190 -16.77 -2.02 -7.40
C THR D 190 -15.97 -1.34 -8.50
N SER D 191 -15.46 -2.14 -9.43
CA SER D 191 -14.60 -1.65 -10.48
C SER D 191 -15.09 -1.80 -11.92
N THR D 192 -14.72 -0.84 -12.75
CA THR D 192 -15.10 -0.83 -14.15
C THR D 192 -13.97 -0.35 -15.05
N VAL D 193 -13.74 -1.10 -16.13
CA VAL D 193 -12.71 -0.74 -17.08
C VAL D 193 -13.40 -0.46 -18.40
N MET D 194 -13.18 0.73 -18.94
CA MET D 194 -13.74 1.12 -20.22
C MET D 194 -12.61 1.07 -21.23
N LEU D 195 -12.76 0.21 -22.24
CA LEU D 195 -11.73 0.02 -23.26
C LEU D 195 -12.22 0.14 -24.70
N SER D 196 -11.51 0.93 -25.48
CA SER D 196 -11.86 1.11 -26.89
C SER D 196 -10.59 1.01 -27.73
N ILE D 197 -10.72 0.38 -28.88
CA ILE D 197 -9.60 0.22 -29.80
C ILE D 197 -10.16 0.43 -31.19
N GLU D 198 -9.45 1.19 -32.00
CA GLU D 198 -9.91 1.48 -33.35
C GLU D 198 -8.82 1.36 -34.39
N THR D 199 -9.20 0.91 -35.58
CA THR D 199 -8.26 0.77 -36.67
C THR D 199 -9.00 1.00 -37.98
N ASP D 200 -8.23 1.20 -39.04
CA ASP D 200 -8.77 1.42 -40.36
C ASP D 200 -7.69 1.22 -41.41
N ASN D 201 -7.74 0.09 -42.10
CA ASN D 201 -6.78 -0.19 -43.15
C ASN D 201 -7.50 -0.75 -44.38
N ASP D 202 -6.77 -0.94 -45.46
CA ASP D 202 -7.38 -1.41 -46.70
C ASP D 202 -7.69 -2.90 -46.75
N ASN D 203 -7.24 -3.65 -45.76
CA ASN D 203 -7.51 -5.08 -45.72
C ASN D 203 -8.75 -5.37 -44.89
N THR D 204 -8.95 -4.62 -43.83
CA THR D 204 -10.08 -4.85 -42.94
C THR D 204 -11.19 -3.80 -42.96
N GLY D 205 -10.89 -2.62 -43.48
CA GLY D 205 -11.88 -1.57 -43.47
C GLY D 205 -11.82 -0.95 -42.09
N LYS D 206 -12.89 -0.26 -41.69
CA LYS D 206 -12.94 0.38 -40.38
C LYS D 206 -13.43 -0.60 -39.31
N VAL D 207 -12.61 -0.80 -38.29
CA VAL D 207 -12.94 -1.71 -37.20
C VAL D 207 -12.96 -0.98 -35.86
N ASN D 208 -14.09 -1.03 -35.18
CA ASN D 208 -14.21 -0.37 -33.89
C ASN D 208 -14.61 -1.36 -32.82
N LEU D 209 -13.97 -1.25 -31.67
CA LEU D 209 -14.25 -2.11 -30.54
C LEU D 209 -14.34 -1.18 -29.34
N ALA D 210 -15.48 -1.15 -28.68
CA ALA D 210 -15.67 -0.29 -27.53
C ALA D 210 -16.51 -0.95 -26.45
N GLY D 211 -16.27 -0.57 -25.19
CA GLY D 211 -17.05 -1.17 -24.13
C GLY D 211 -16.47 -1.03 -22.74
N SER D 212 -17.07 -1.77 -21.81
CA SER D 212 -16.65 -1.76 -20.42
C SER D 212 -17.09 -3.06 -19.77
N LEU D 213 -16.44 -3.38 -18.65
CA LEU D 213 -16.75 -4.58 -17.88
C LEU D 213 -16.65 -4.18 -16.42
N THR D 214 -17.53 -4.74 -15.61
CA THR D 214 -17.55 -4.43 -14.19
C THR D 214 -17.42 -5.68 -13.31
N ARG D 215 -16.71 -5.53 -12.21
CA ARG D 215 -16.52 -6.63 -11.27
C ARG D 215 -16.38 -6.07 -9.87
N GLN D 216 -16.95 -6.79 -8.90
CA GLN D 216 -16.88 -6.39 -7.51
C GLN D 216 -16.01 -7.36 -6.72
N ASP D 217 -15.67 -6.95 -5.52
CA ASP D 217 -14.85 -7.74 -4.63
C ASP D 217 -14.87 -7.10 -3.25
N GLU D 218 -14.77 -7.93 -2.22
CA GLU D 218 -14.81 -7.42 -0.85
C GLU D 218 -13.91 -8.24 0.06
N LYS D 219 -12.91 -7.59 0.65
CA LYS D 219 -11.99 -8.28 1.57
C LYS D 219 -11.78 -7.50 2.84
N GLU D 220 -11.56 -8.22 3.92
CA GLU D 220 -11.31 -7.61 5.22
C GLU D 220 -9.83 -7.73 5.51
N TYR D 221 -9.17 -6.61 5.76
CA TYR D 221 -7.74 -6.62 6.05
C TYR D 221 -7.45 -5.94 7.38
N THR D 222 -6.22 -6.11 7.84
CA THR D 222 -5.79 -5.47 9.07
C THR D 222 -5.06 -4.20 8.65
N PHE D 223 -5.38 -3.09 9.30
CA PHE D 223 -4.71 -1.86 8.97
C PHE D 223 -4.01 -1.32 10.21
N ASN D 224 -2.95 -0.56 9.97
CA ASN D 224 -2.13 0.03 11.02
C ASN D 224 -0.98 0.77 10.33
N GLU D 225 0.02 1.21 11.09
CA GLU D 225 1.15 1.95 10.51
C GLU D 225 1.92 1.27 9.39
N VAL D 226 1.85 -0.06 9.28
CA VAL D 226 2.55 -0.75 8.19
C VAL D 226 1.59 -1.07 7.05
N ASP D 227 0.45 -1.67 7.40
CA ASP D 227 -0.55 -1.98 6.40
C ASP D 227 -1.65 -0.93 6.49
N THR D 228 -1.36 0.23 5.89
CA THR D 228 -2.28 1.36 5.88
C THR D 228 -3.44 1.13 4.92
N HIS D 229 -4.43 2.04 4.96
CA HIS D 229 -5.57 1.93 4.06
C HIS D 229 -5.11 1.99 2.60
N CYS D 230 -4.13 2.86 2.34
CA CYS D 230 -3.62 3.00 0.97
C CYS D 230 -2.97 1.70 0.51
N VAL D 231 -2.27 1.04 1.42
CA VAL D 231 -1.62 -0.21 1.09
C VAL D 231 -2.67 -1.26 0.77
N ASN D 232 -3.69 -1.35 1.60
CA ASN D 232 -4.75 -2.32 1.41
C ASN D 232 -5.58 -2.06 0.15
N ILE D 233 -5.84 -0.79 -0.12
CA ILE D 233 -6.61 -0.42 -1.30
C ILE D 233 -5.75 -0.68 -2.53
N GLY D 234 -4.46 -0.43 -2.42
CA GLY D 234 -3.55 -0.69 -3.53
C GLY D 234 -3.56 -2.17 -3.89
N LYS D 235 -3.47 -3.03 -2.88
CA LYS D 235 -3.48 -4.47 -3.13
C LYS D 235 -4.74 -4.86 -3.88
N MET D 236 -5.87 -4.31 -3.47
CA MET D 236 -7.15 -4.63 -4.10
C MET D 236 -7.30 -4.10 -5.52
N VAL D 237 -6.92 -2.85 -5.75
CA VAL D 237 -7.05 -2.28 -7.08
C VAL D 237 -6.14 -3.01 -8.06
N GLU D 238 -4.94 -3.40 -7.59
CA GLU D 238 -3.97 -4.10 -8.41
C GLU D 238 -4.51 -5.47 -8.82
N ASP D 239 -5.07 -6.19 -7.86
CA ASP D 239 -5.60 -7.52 -8.15
C ASP D 239 -6.81 -7.41 -9.07
N MET D 240 -7.69 -6.45 -8.80
CA MET D 240 -8.88 -6.25 -9.60
C MET D 240 -8.54 -5.95 -11.05
N GLU D 241 -7.78 -4.87 -11.26
CA GLU D 241 -7.40 -4.49 -12.61
C GLU D 241 -6.80 -5.63 -13.40
N SER D 242 -5.92 -6.40 -12.77
CA SER D 242 -5.29 -7.52 -13.47
C SER D 242 -6.28 -8.58 -13.87
N LYS D 243 -7.31 -8.82 -13.04
CA LYS D 243 -8.29 -9.81 -13.42
C LYS D 243 -9.19 -9.25 -14.52
N LEU D 244 -9.57 -7.98 -14.40
CA LEU D 244 -10.40 -7.38 -15.42
C LEU D 244 -9.65 -7.36 -16.75
N ARG D 245 -8.35 -7.07 -16.72
CA ARG D 245 -7.56 -7.04 -17.93
C ARG D 245 -7.66 -8.42 -18.60
N GLN D 246 -7.66 -9.46 -17.76
CA GLN D 246 -7.75 -10.83 -18.27
C GLN D 246 -9.09 -11.05 -18.98
N THR D 247 -10.17 -10.68 -18.30
CA THR D 247 -11.50 -10.85 -18.87
C THR D 247 -11.63 -10.03 -20.15
N LEU D 248 -11.15 -8.79 -20.11
CA LEU D 248 -11.21 -7.91 -21.27
C LEU D 248 -10.57 -8.58 -22.49
N GLU D 249 -9.38 -9.16 -22.28
CA GLU D 249 -8.67 -9.82 -23.36
C GLU D 249 -9.51 -10.96 -23.96
N THR D 250 -10.02 -11.82 -23.10
CA THR D 250 -10.84 -12.92 -23.55
C THR D 250 -12.05 -12.43 -24.34
N ILE D 251 -12.78 -11.47 -23.78
CA ILE D 251 -13.96 -10.95 -24.47
C ILE D 251 -13.68 -10.20 -25.76
N TYR D 252 -12.84 -9.18 -25.69
CA TYR D 252 -12.53 -8.38 -26.86
C TYR D 252 -11.92 -9.12 -28.04
N PHE D 253 -10.94 -9.98 -27.78
CA PHE D 253 -10.28 -10.65 -28.88
C PHE D 253 -10.63 -12.11 -29.10
N GLY D 254 -11.39 -12.71 -28.18
CA GLY D 254 -11.77 -14.11 -28.34
C GLY D 254 -13.26 -14.32 -28.55
N LYS D 255 -14.06 -13.76 -27.66
CA LYS D 255 -15.50 -13.91 -27.73
C LYS D 255 -16.11 -13.26 -28.97
N THR D 256 -15.65 -12.05 -29.28
CA THR D 256 -16.17 -11.34 -30.46
C THR D 256 -15.85 -12.10 -31.73
N LYS D 257 -14.62 -12.59 -31.82
CA LYS D 257 -14.19 -13.35 -33.00
C LYS D 257 -14.99 -14.65 -33.07
N GLU D 258 -15.25 -15.23 -31.92
CA GLU D 258 -16.00 -16.47 -31.84
C GLU D 258 -17.40 -16.28 -32.43
N VAL D 259 -18.05 -15.19 -32.06
CA VAL D 259 -19.39 -14.88 -32.53
C VAL D 259 -19.41 -14.64 -34.04
N VAL D 260 -18.40 -13.93 -34.54
CA VAL D 260 -18.36 -13.65 -35.96
C VAL D 260 -18.15 -14.96 -36.73
N ASN D 261 -17.39 -15.88 -36.16
CA ASN D 261 -17.17 -17.13 -36.86
C ASN D 261 -18.36 -18.07 -36.76
N THR D 262 -19.43 -17.64 -36.10
CA THR D 262 -20.62 -18.49 -36.06
C THR D 262 -21.59 -17.93 -37.11
N LEU D 263 -21.55 -16.61 -37.30
CA LEU D 263 -22.42 -15.93 -38.28
C LEU D 263 -21.99 -16.35 -39.69
N ARG D 264 -20.69 -16.35 -39.93
CA ARG D 264 -20.11 -16.72 -41.21
C ARG D 264 -19.06 -17.79 -40.97
N ASN D 265 -19.11 -18.88 -41.73
CA ASN D 265 -18.09 -19.89 -41.56
C ASN D 265 -17.30 -19.98 -42.85
N ALA D 266 -16.12 -19.37 -42.84
CA ALA D 266 -15.24 -19.32 -44.01
C ALA D 266 -14.87 -20.71 -44.53
N THR D 267 -15.12 -21.73 -43.72
CA THR D 267 -14.83 -23.10 -44.14
C THR D 267 -15.73 -23.42 -45.32
N GLY D 268 -17.04 -23.33 -45.10
CA GLY D 268 -17.98 -23.63 -46.16
C GLY D 268 -18.82 -24.86 -45.84
#